data_9IVO
#
_entry.id   9IVO
#
_cell.length_a   62.738
_cell.length_b   118.817
_cell.length_c   121.279
_cell.angle_alpha   90.00
_cell.angle_beta   90.00
_cell.angle_gamma   90.00
#
_symmetry.space_group_name_H-M   'P 21 21 21'
#
loop_
_entity.id
_entity.type
_entity.pdbx_description
1 polymer 'Short-chain dehydrogenase/reductase SDR'
2 non-polymer NICOTINAMIDE-ADENINE-DINUCLEOTIDE
3 non-polymer 1,2-ETHANEDIOL
4 non-polymer 'DIMETHYL SULFOXIDE'
5 water water
#
_entity_poly.entity_id   1
_entity_poly.type   'polypeptide(L)'
_entity_poly.pdbx_seq_one_letter_code
;MTIALNNVVAVVTGAAGGIGRELVKAMKAANAIVIATDMAPSADVEGADHYLQHDVTSEAGWKAVAALAQEKYGRVDALV
HNAGISIVTKFEDTPLSDFHRVNTVNVDSIIIGTQVLLPLLKEGGKARAGGASVVNFSSVGGLRGAAFLAAYCTSKAAVK
MLSKCLGAEFAALGYNIRVNSVHPGGIDTPMLGSIMDKAVELGAAPSREVAQAAMEMRHPIGRMGRPAEMGGGVVYLCSD
AASFVTCTEFVMDGGFSQV
;
_entity_poly.pdbx_strand_id   A,B,C,D
#
loop_
_chem_comp.id
_chem_comp.type
_chem_comp.name
_chem_comp.formula
DMS non-polymer 'DIMETHYL SULFOXIDE' 'C2 H6 O S'
EDO non-polymer 1,2-ETHANEDIOL 'C2 H6 O2'
NAD non-polymer NICOTINAMIDE-ADENINE-DINUCLEOTIDE 'C21 H27 N7 O14 P2'
#
# COMPACT_ATOMS: atom_id res chain seq x y z
N THR A 2 19.94 23.24 -2.37
CA THR A 2 20.25 22.56 -1.09
C THR A 2 18.98 22.41 -0.23
N ILE A 3 19.10 21.64 0.84
CA ILE A 3 18.04 21.43 1.86
C ILE A 3 18.33 22.40 3.02
N ALA A 4 17.53 23.43 3.18
CA ALA A 4 17.69 24.40 4.28
C ALA A 4 16.34 25.01 4.60
N LEU A 5 16.27 25.69 5.74
CA LEU A 5 15.02 26.32 6.22
C LEU A 5 15.26 27.82 6.47
N ASN A 6 16.01 28.48 5.59
CA ASN A 6 16.27 29.94 5.74
C ASN A 6 14.93 30.67 5.75
N ASN A 7 14.70 31.53 6.76
CA ASN A 7 13.49 32.40 6.86
C ASN A 7 12.22 31.56 7.04
N VAL A 8 12.36 30.32 7.52
CA VAL A 8 11.19 29.47 7.83
C VAL A 8 10.81 29.68 9.30
N VAL A 9 9.60 30.17 9.52
CA VAL A 9 8.96 30.21 10.86
C VAL A 9 8.22 28.88 11.09
N ALA A 10 8.69 28.10 12.04
CA ALA A 10 8.19 26.75 12.34
C ALA A 10 7.51 26.73 13.72
N VAL A 11 6.37 26.06 13.80
CA VAL A 11 5.72 25.71 15.08
C VAL A 11 5.93 24.21 15.24
N VAL A 12 6.49 23.77 16.38
CA VAL A 12 6.70 22.32 16.65
C VAL A 12 6.01 21.99 17.98
N THR A 13 5.01 21.12 17.94
CA THR A 13 4.30 20.67 19.18
C THR A 13 4.99 19.44 19.78
N GLY A 14 4.72 19.14 21.06
CA GLY A 14 5.41 18.04 21.75
C GLY A 14 6.91 18.28 21.81
N ALA A 15 7.33 19.53 21.83
CA ALA A 15 8.72 19.95 21.56
C ALA A 15 9.66 19.57 22.69
N ALA A 16 9.16 19.29 23.89
CA ALA A 16 10.00 18.96 25.06
C ALA A 16 10.21 17.45 25.15
N GLY A 17 9.55 16.64 24.32
CA GLY A 17 9.72 15.17 24.34
C GLY A 17 10.99 14.72 23.62
N GLY A 18 11.25 13.43 23.57
CA GLY A 18 12.51 12.88 23.01
C GLY A 18 12.63 13.23 21.53
N ILE A 19 11.62 12.96 20.72
CA ILE A 19 11.68 13.29 19.27
C ILE A 19 11.58 14.80 19.11
N GLY A 20 10.64 15.46 19.80
CA GLY A 20 10.45 16.92 19.68
C GLY A 20 11.73 17.71 19.83
N ARG A 21 12.55 17.39 20.84
CA ARG A 21 13.80 18.15 21.09
C ARG A 21 14.74 17.97 19.89
N GLU A 22 14.81 16.78 19.33
CA GLU A 22 15.68 16.49 18.17
C GLU A 22 15.15 17.22 16.95
N LEU A 23 13.82 17.28 16.76
CA LEU A 23 13.25 18.07 15.62
C LEU A 23 13.67 19.53 15.76
N VAL A 24 13.52 20.13 16.93
CA VAL A 24 13.83 21.57 17.11
C VAL A 24 15.33 21.80 16.83
N LYS A 25 16.23 20.96 17.32
CA LYS A 25 17.69 21.11 17.12
C LYS A 25 18.00 21.02 15.61
N ALA A 26 17.40 20.03 14.92
CA ALA A 26 17.66 19.83 13.48
C ALA A 26 17.14 21.04 12.69
N MET A 27 15.95 21.53 13.03
CA MET A 27 15.33 22.65 12.28
C MET A 27 16.13 23.93 12.52
N LYS A 28 16.61 24.13 13.75
CA LYS A 28 17.44 25.32 14.05
C LYS A 28 18.76 25.22 13.29
N ALA A 29 19.37 24.03 13.26
CA ALA A 29 20.65 23.81 12.54
C ALA A 29 20.46 24.13 11.05
N ALA A 30 19.24 24.01 10.49
CA ALA A 30 18.94 24.36 9.08
C ALA A 30 18.45 25.82 8.99
N ASN A 31 18.54 26.58 10.08
CA ASN A 31 18.31 28.04 10.16
C ASN A 31 16.82 28.41 10.29
N ALA A 32 15.95 27.49 10.70
CA ALA A 32 14.54 27.82 10.96
C ALA A 32 14.46 28.69 12.23
N ILE A 33 13.45 29.55 12.26
CA ILE A 33 12.97 30.24 13.49
C ILE A 33 11.92 29.31 14.11
N VAL A 34 12.11 28.87 15.35
CA VAL A 34 11.27 27.79 15.93
C VAL A 34 10.48 28.31 17.13
N ILE A 35 9.15 28.21 17.04
CA ILE A 35 8.22 28.30 18.19
C ILE A 35 7.95 26.87 18.67
N ALA A 36 8.49 26.51 19.84
CA ALA A 36 8.36 25.19 20.47
C ALA A 36 7.22 25.22 21.49
N THR A 37 6.39 24.19 21.52
CA THR A 37 5.28 24.11 22.51
C THR A 37 5.22 22.72 23.10
N ASP A 38 4.82 22.64 24.37
CA ASP A 38 4.59 21.35 25.06
C ASP A 38 3.78 21.65 26.31
N MET A 39 3.39 20.60 27.01
CA MET A 39 2.53 20.64 28.23
C MET A 39 3.28 21.30 29.39
N ALA A 40 4.62 21.13 29.48
CA ALA A 40 5.41 21.70 30.62
C ALA A 40 5.26 23.21 30.66
N PRO A 41 5.05 23.82 31.86
CA PRO A 41 4.88 25.28 31.93
C PRO A 41 6.19 26.03 31.62
N SER A 42 7.31 25.39 31.86
CA SER A 42 8.69 25.90 31.64
C SER A 42 9.53 24.82 30.95
N ALA A 43 10.33 25.18 29.96
CA ALA A 43 11.26 24.20 29.36
C ALA A 43 12.38 24.93 28.62
N ASP A 44 13.56 24.34 28.66
CA ASP A 44 14.74 24.86 27.94
C ASP A 44 14.88 23.93 26.75
N VAL A 45 14.27 24.28 25.62
CA VAL A 45 14.35 23.45 24.38
C VAL A 45 15.47 24.01 23.51
N GLU A 46 16.56 23.29 23.39
CA GLU A 46 17.78 23.74 22.66
C GLU A 46 17.39 24.03 21.21
N GLY A 47 17.64 25.27 20.76
CA GLY A 47 17.34 25.73 19.41
C GLY A 47 15.98 26.43 19.25
N ALA A 48 15.15 26.47 20.29
CA ALA A 48 13.85 27.18 20.21
C ALA A 48 14.07 28.68 20.37
N ASP A 49 13.50 29.49 19.49
CA ASP A 49 13.41 30.97 19.64
C ASP A 49 12.39 31.34 20.71
N HIS A 50 11.32 30.57 20.83
CA HIS A 50 10.19 30.80 21.77
C HIS A 50 9.75 29.44 22.31
N TYR A 51 9.39 29.39 23.60
CA TYR A 51 8.69 28.22 24.18
C TYR A 51 7.35 28.71 24.73
N LEU A 52 6.27 27.98 24.45
CA LEU A 52 4.93 28.23 25.01
C LEU A 52 4.42 26.94 25.63
N GLN A 53 3.86 27.02 26.84
CA GLN A 53 3.05 25.94 27.41
C GLN A 53 1.80 25.85 26.54
N HIS A 54 1.45 24.64 26.11
CA HIS A 54 0.39 24.44 25.10
C HIS A 54 -0.15 23.03 25.21
N ASP A 55 -1.44 22.91 25.49
CA ASP A 55 -2.18 21.65 25.40
C ASP A 55 -2.79 21.59 24.01
N VAL A 56 -2.37 20.64 23.17
CA VAL A 56 -2.80 20.65 21.73
C VAL A 56 -4.31 20.32 21.63
N THR A 57 -4.95 19.87 22.70
CA THR A 57 -6.42 19.63 22.69
C THR A 57 -7.19 20.93 22.95
N SER A 58 -6.50 22.02 23.27
CA SER A 58 -7.13 23.31 23.67
C SER A 58 -7.07 24.31 22.51
N GLU A 59 -8.23 24.71 21.99
CA GLU A 59 -8.34 25.75 20.95
C GLU A 59 -7.76 27.04 21.50
N ALA A 60 -8.04 27.39 22.77
CA ALA A 60 -7.45 28.61 23.39
C ALA A 60 -5.91 28.55 23.31
N GLY A 61 -5.31 27.41 23.64
CA GLY A 61 -3.84 27.22 23.58
C GLY A 61 -3.32 27.45 22.15
N TRP A 62 -3.99 26.89 21.14
CA TRP A 62 -3.64 27.14 19.71
C TRP A 62 -3.76 28.61 19.37
N LYS A 63 -4.81 29.31 19.86
CA LYS A 63 -4.97 30.75 19.55
C LYS A 63 -3.81 31.56 20.13
N ALA A 64 -3.27 31.17 21.30
CA ALA A 64 -2.12 31.85 21.93
C ALA A 64 -0.87 31.66 21.04
N VAL A 65 -0.70 30.46 20.48
CA VAL A 65 0.43 30.17 19.55
C VAL A 65 0.27 31.05 18.30
N ALA A 66 -0.93 31.10 17.72
CA ALA A 66 -1.21 31.93 16.52
C ALA A 66 -0.91 33.41 16.81
N ALA A 67 -1.30 33.90 17.99
CA ALA A 67 -1.15 35.33 18.37
C ALA A 67 0.34 35.70 18.43
N LEU A 68 1.19 34.81 18.98
CA LEU A 68 2.65 35.07 19.06
C LEU A 68 3.25 35.08 17.64
N ALA A 69 2.92 34.09 16.81
CA ALA A 69 3.43 34.03 15.41
C ALA A 69 2.96 35.25 14.63
N GLN A 70 1.69 35.63 14.79
CA GLN A 70 1.11 36.80 14.08
C GLN A 70 1.89 38.07 14.45
N GLU A 71 2.10 38.30 15.74
CA GLU A 71 2.74 39.54 16.27
C GLU A 71 4.21 39.58 15.85
N LYS A 72 4.96 38.50 16.03
CA LYS A 72 6.43 38.47 15.82
C LYS A 72 6.76 38.33 14.34
N TYR A 73 6.01 37.56 13.54
CA TYR A 73 6.48 37.13 12.20
C TYR A 73 5.45 37.39 11.09
N GLY A 74 4.15 37.30 11.37
CA GLY A 74 3.08 37.52 10.39
C GLY A 74 2.86 36.33 9.47
N ARG A 75 3.51 35.19 9.74
CA ARG A 75 3.29 33.96 8.92
C ARG A 75 3.72 32.76 9.74
N VAL A 76 3.28 31.58 9.29
CA VAL A 76 3.89 30.29 9.71
C VAL A 76 4.23 29.55 8.40
N ASP A 77 5.51 29.17 8.25
CA ASP A 77 6.03 28.47 7.04
C ASP A 77 5.98 26.94 7.25
N ALA A 78 6.07 26.46 8.49
CA ALA A 78 6.09 25.02 8.78
C ALA A 78 5.38 24.75 10.10
N LEU A 79 4.56 23.72 10.08
CA LEU A 79 3.77 23.32 11.27
C LEU A 79 4.00 21.84 11.42
N VAL A 80 4.62 21.47 12.55
CA VAL A 80 4.96 20.07 12.85
C VAL A 80 4.08 19.61 14.00
N HIS A 81 3.08 18.81 13.69
CA HIS A 81 2.16 18.17 14.68
C HIS A 81 2.84 16.91 15.22
N ASN A 82 3.61 17.07 16.30
CA ASN A 82 4.44 15.98 16.90
C ASN A 82 3.85 15.51 18.24
N ALA A 83 3.05 16.33 18.92
CA ALA A 83 2.38 15.90 20.17
C ALA A 83 1.50 14.70 19.89
N GLY A 84 1.49 13.71 20.79
CA GLY A 84 0.72 12.49 20.61
C GLY A 84 0.81 11.60 21.84
N ILE A 85 -0.14 10.70 21.99
CA ILE A 85 -0.18 9.71 23.10
C ILE A 85 -0.41 8.32 22.52
N SER A 86 -0.18 7.32 23.36
CA SER A 86 -0.52 5.91 23.10
C SER A 86 -1.26 5.35 24.31
N ILE A 87 -2.06 4.31 24.07
CA ILE A 87 -2.55 3.38 25.11
C ILE A 87 -2.37 1.98 24.55
N VAL A 88 -2.34 0.99 25.45
CA VAL A 88 -2.27 -0.43 25.08
C VAL A 88 -3.36 -1.10 25.89
N THR A 89 -4.35 -1.70 25.25
CA THR A 89 -5.58 -2.17 25.95
C THR A 89 -6.10 -3.44 25.28
N LYS A 90 -6.83 -4.26 26.04
CA LYS A 90 -7.67 -5.34 25.50
C LYS A 90 -8.94 -4.68 24.95
N PHE A 91 -9.21 -4.84 23.66
CA PHE A 91 -10.34 -4.16 22.96
C PHE A 91 -11.64 -4.31 23.77
N GLU A 92 -11.95 -5.52 24.20
CA GLU A 92 -13.25 -5.82 24.85
C GLU A 92 -13.36 -5.10 26.22
N ASP A 93 -12.25 -4.65 26.79
CA ASP A 93 -12.22 -3.97 28.11
C ASP A 93 -11.99 -2.47 27.92
N THR A 94 -12.03 -1.97 26.68
CA THR A 94 -11.68 -0.56 26.38
C THR A 94 -12.96 0.23 26.26
N PRO A 95 -13.27 1.15 27.19
CA PRO A 95 -14.41 2.02 27.01
C PRO A 95 -14.23 2.95 25.78
N LEU A 96 -15.34 3.29 25.16
CA LEU A 96 -15.36 4.21 24.01
C LEU A 96 -14.65 5.50 24.40
N SER A 97 -14.76 5.98 25.65
CA SER A 97 -14.07 7.22 26.10
C SER A 97 -12.54 7.11 25.90
N ASP A 98 -11.95 5.92 25.97
CA ASP A 98 -10.48 5.73 25.74
C ASP A 98 -10.16 5.96 24.26
N PHE A 99 -10.98 5.43 23.36
CA PHE A 99 -10.85 5.70 21.90
C PHE A 99 -10.93 7.19 21.66
N HIS A 100 -11.92 7.85 22.27
CA HIS A 100 -12.18 9.30 22.10
C HIS A 100 -10.99 10.10 22.62
N ARG A 101 -10.43 9.74 23.78
CA ARG A 101 -9.29 10.48 24.36
C ARG A 101 -8.08 10.39 23.41
N VAL A 102 -7.75 9.23 22.92
CA VAL A 102 -6.60 9.04 21.97
C VAL A 102 -6.90 9.85 20.68
N ASN A 103 -8.14 9.82 20.19
CA ASN A 103 -8.55 10.63 19.01
CA ASN A 103 -8.55 10.63 19.01
C ASN A 103 -8.36 12.12 19.31
N THR A 104 -8.75 12.59 20.50
CA THR A 104 -8.72 14.03 20.84
C THR A 104 -7.26 14.52 20.78
N VAL A 105 -6.30 13.77 21.36
CA VAL A 105 -4.90 14.23 21.38
C VAL A 105 -4.23 14.04 20.01
N ASN A 106 -4.49 12.91 19.34
CA ASN A 106 -3.69 12.46 18.17
C ASN A 106 -4.26 13.07 16.88
N VAL A 107 -5.60 13.29 16.82
CA VAL A 107 -6.28 13.71 15.56
C VAL A 107 -6.89 15.10 15.69
N ASP A 108 -7.71 15.32 16.73
CA ASP A 108 -8.38 16.65 16.91
C ASP A 108 -7.35 17.76 17.04
N SER A 109 -6.20 17.49 17.66
CA SER A 109 -5.05 18.45 17.72
C SER A 109 -4.70 18.97 16.34
N ILE A 110 -4.59 18.08 15.35
CA ILE A 110 -4.23 18.46 13.96
C ILE A 110 -5.38 19.25 13.35
N ILE A 111 -6.62 18.82 13.58
CA ILE A 111 -7.78 19.53 12.99
C ILE A 111 -7.83 20.95 13.58
N ILE A 112 -7.86 21.07 14.90
CA ILE A 112 -7.97 22.40 15.58
C ILE A 112 -6.75 23.26 15.24
N GLY A 113 -5.53 22.72 15.41
CA GLY A 113 -4.31 23.51 15.19
C GLY A 113 -4.18 23.97 13.76
N THR A 114 -4.46 23.10 12.77
CA THR A 114 -4.34 23.49 11.34
C THR A 114 -5.43 24.54 11.01
N GLN A 115 -6.64 24.43 11.54
CA GLN A 115 -7.70 25.46 11.34
C GLN A 115 -7.27 26.79 11.93
N VAL A 116 -6.81 26.79 13.18
CA VAL A 116 -6.39 28.05 13.88
C VAL A 116 -5.24 28.69 13.12
N LEU A 117 -4.25 27.91 12.64
CA LEU A 117 -3.06 28.47 12.00
C LEU A 117 -3.23 28.62 10.48
N LEU A 118 -4.39 28.30 9.91
CA LEU A 118 -4.57 28.30 8.43
C LEU A 118 -4.30 29.68 7.86
N PRO A 119 -4.85 30.80 8.42
CA PRO A 119 -4.50 32.12 7.90
C PRO A 119 -2.98 32.37 7.84
N LEU A 120 -2.26 32.03 8.90
CA LEU A 120 -0.80 32.19 8.95
C LEU A 120 -0.11 31.26 7.91
N LEU A 121 -0.60 30.04 7.75
CA LEU A 121 -0.02 29.09 6.76
C LEU A 121 -0.27 29.60 5.34
N LYS A 122 -1.41 30.22 5.07
CA LYS A 122 -1.66 30.86 3.75
C LYS A 122 -0.62 31.94 3.50
N GLU A 123 -0.25 32.71 4.52
CA GLU A 123 0.84 33.72 4.38
C GLU A 123 2.17 32.98 4.07
N GLY A 124 2.42 31.87 4.74
CA GLY A 124 3.58 31.00 4.40
C GLY A 124 3.55 30.58 2.94
N GLY A 125 2.38 30.22 2.44
CA GLY A 125 2.18 29.79 1.04
C GLY A 125 2.56 30.89 0.06
N LYS A 126 2.39 32.16 0.46
CA LYS A 126 2.77 33.32 -0.39
C LYS A 126 4.26 33.63 -0.26
N ALA A 127 4.90 33.24 0.83
CA ALA A 127 6.30 33.61 1.15
C ALA A 127 7.29 32.69 0.41
N ARG A 128 6.94 31.44 0.14
CA ARG A 128 7.88 30.49 -0.50
C ARG A 128 7.18 29.85 -1.69
N ALA A 129 7.88 29.78 -2.83
CA ALA A 129 7.39 29.10 -4.05
C ALA A 129 7.02 27.64 -3.71
N GLY A 130 7.81 26.95 -2.89
CA GLY A 130 7.56 25.53 -2.58
C GLY A 130 6.41 25.32 -1.62
N GLY A 131 5.93 26.41 -0.98
CA GLY A 131 4.72 26.41 -0.16
C GLY A 131 5.04 26.34 1.32
N ALA A 132 4.04 26.60 2.16
CA ALA A 132 4.10 26.25 3.59
C ALA A 132 4.08 24.72 3.67
N SER A 133 4.46 24.17 4.81
CA SER A 133 4.59 22.70 4.97
C SER A 133 3.96 22.28 6.30
N VAL A 134 2.99 21.39 6.26
CA VAL A 134 2.39 20.79 7.48
C VAL A 134 2.83 19.33 7.54
N VAL A 135 3.46 18.96 8.65
CA VAL A 135 4.03 17.61 8.84
C VAL A 135 3.30 16.99 10.03
N ASN A 136 2.59 15.91 9.76
CA ASN A 136 1.72 15.23 10.74
C ASN A 136 2.39 13.94 11.17
N PHE A 137 2.62 13.76 12.48
CA PHE A 137 3.22 12.50 12.98
C PHE A 137 2.14 11.44 13.07
N SER A 138 2.22 10.49 12.13
CA SER A 138 1.51 9.19 12.18
C SER A 138 2.50 8.21 12.83
N SER A 139 2.56 7.02 12.31
CA SER A 139 3.35 5.93 12.90
C SER A 139 3.36 4.79 11.90
N VAL A 140 4.28 3.84 12.04
CA VAL A 140 4.09 2.57 11.29
C VAL A 140 2.74 1.93 11.71
N GLY A 141 2.26 2.23 12.92
CA GLY A 141 0.93 1.79 13.38
C GLY A 141 -0.22 2.40 12.61
N GLY A 142 0.02 3.43 11.78
CA GLY A 142 -0.99 3.94 10.82
C GLY A 142 -0.97 3.21 9.49
N LEU A 143 0.01 2.32 9.27
CA LEU A 143 0.20 1.53 8.04
C LEU A 143 -0.14 0.06 8.32
N ARG A 144 0.25 -0.44 9.48
CA ARG A 144 0.15 -1.88 9.82
C ARG A 144 -0.51 -1.98 11.20
N GLY A 145 -1.47 -2.91 11.33
CA GLY A 145 -2.17 -3.10 12.62
C GLY A 145 -1.32 -3.82 13.64
N ALA A 146 -1.83 -3.89 14.87
CA ALA A 146 -1.20 -4.71 15.94
C ALA A 146 -2.26 -5.06 17.00
N ALA A 147 -2.18 -6.29 17.49
CA ALA A 147 -2.95 -6.72 18.68
C ALA A 147 -2.71 -5.76 19.85
N PHE A 148 -3.79 -5.33 20.54
CA PHE A 148 -3.78 -4.54 21.79
C PHE A 148 -3.47 -3.07 21.54
N LEU A 149 -3.38 -2.67 20.27
CA LEU A 149 -3.11 -1.26 19.92
C LEU A 149 -4.24 -0.69 19.05
N ALA A 150 -5.48 -1.19 19.20
CA ALA A 150 -6.61 -0.73 18.36
C ALA A 150 -6.80 0.79 18.44
N ALA A 151 -6.90 1.39 19.64
CA ALA A 151 -7.19 2.83 19.76
C ALA A 151 -6.03 3.62 19.12
N TYR A 152 -4.80 3.24 19.42
CA TYR A 152 -3.60 3.99 18.98
C TYR A 152 -3.48 3.88 17.44
N CYS A 153 -3.49 2.67 16.91
CA CYS A 153 -3.29 2.45 15.45
C CYS A 153 -4.42 3.16 14.69
N THR A 154 -5.66 3.00 15.16
CA THR A 154 -6.84 3.63 14.52
C THR A 154 -6.57 5.15 14.42
N SER A 155 -6.12 5.78 15.48
CA SER A 155 -5.86 7.24 15.51
C SER A 155 -4.75 7.57 14.49
N LYS A 156 -3.73 6.74 14.37
CA LYS A 156 -2.56 7.04 13.49
C LYS A 156 -2.94 6.84 12.02
N ALA A 157 -3.85 5.90 11.71
CA ALA A 157 -4.39 5.73 10.34
C ALA A 157 -5.25 6.95 10.01
N ALA A 158 -6.02 7.46 10.97
CA ALA A 158 -6.80 8.71 10.78
C ALA A 158 -5.84 9.87 10.45
N VAL A 159 -4.74 10.03 11.18
CA VAL A 159 -3.74 11.11 10.92
C VAL A 159 -3.23 10.98 9.48
N LYS A 160 -2.85 9.77 9.07
CA LYS A 160 -2.32 9.47 7.72
C LYS A 160 -3.32 9.96 6.66
N MET A 161 -4.58 9.58 6.81
CA MET A 161 -5.58 9.86 5.73
C MET A 161 -5.94 11.35 5.76
N LEU A 162 -6.07 11.96 6.94
CA LEU A 162 -6.33 13.42 7.05
C LEU A 162 -5.24 14.16 6.27
N SER A 163 -3.98 13.74 6.40
CA SER A 163 -2.84 14.34 5.66
C SER A 163 -3.08 14.28 4.16
N LYS A 164 -3.52 13.15 3.62
CA LYS A 164 -3.74 13.00 2.16
C LYS A 164 -4.85 13.98 1.73
N CYS A 165 -5.94 14.03 2.50
CA CYS A 165 -7.11 14.86 2.14
C CYS A 165 -6.73 16.35 2.19
N LEU A 166 -6.04 16.79 3.23
CA LEU A 166 -5.65 18.23 3.36
C LEU A 166 -4.64 18.60 2.27
N GLY A 167 -3.67 17.75 1.95
CA GLY A 167 -2.74 18.07 0.86
C GLY A 167 -3.51 18.29 -0.44
N ALA A 168 -4.48 17.42 -0.72
CA ALA A 168 -5.27 17.50 -1.97
C ALA A 168 -6.13 18.76 -1.94
N GLU A 169 -6.78 19.04 -0.81
CA GLU A 169 -7.75 20.16 -0.71
C GLU A 169 -7.02 21.50 -0.75
N PHE A 170 -5.93 21.68 -0.01
CA PHE A 170 -5.20 22.95 0.03
C PHE A 170 -4.62 23.22 -1.37
N ALA A 171 -4.19 22.19 -2.09
CA ALA A 171 -3.71 22.39 -3.49
C ALA A 171 -4.90 22.80 -4.37
N ALA A 172 -6.04 22.12 -4.29
CA ALA A 172 -7.23 22.43 -5.13
C ALA A 172 -7.71 23.87 -4.88
N LEU A 173 -7.60 24.37 -3.66
CA LEU A 173 -8.06 25.74 -3.30
C LEU A 173 -6.99 26.80 -3.61
N GLY A 174 -5.81 26.42 -4.08
CA GLY A 174 -4.69 27.30 -4.44
C GLY A 174 -3.97 27.93 -3.25
N TYR A 175 -3.93 27.28 -2.08
CA TYR A 175 -3.30 27.85 -0.85
C TYR A 175 -1.78 27.66 -0.83
N ASN A 176 -1.23 26.78 -1.66
CA ASN A 176 0.23 26.49 -1.67
C ASN A 176 0.69 26.06 -0.26
N ILE A 177 -0.01 25.07 0.29
CA ILE A 177 0.33 24.40 1.58
C ILE A 177 0.48 22.91 1.29
N ARG A 178 1.69 22.39 1.43
CA ARG A 178 1.96 20.93 1.34
C ARG A 178 1.60 20.28 2.69
N VAL A 179 1.06 19.09 2.64
CA VAL A 179 0.70 18.32 3.87
C VAL A 179 1.19 16.90 3.67
N ASN A 180 1.96 16.39 4.62
CA ASN A 180 2.54 15.04 4.54
C ASN A 180 2.43 14.37 5.91
N SER A 181 2.37 13.04 5.92
CA SER A 181 2.41 12.24 7.16
C SER A 181 3.79 11.62 7.30
N VAL A 182 4.28 11.56 8.52
CA VAL A 182 5.55 10.87 8.86
C VAL A 182 5.23 9.60 9.64
N HIS A 183 5.95 8.53 9.35
CA HIS A 183 5.68 7.19 9.92
C HIS A 183 6.93 6.65 10.57
N PRO A 184 7.21 7.01 11.84
CA PRO A 184 8.32 6.42 12.58
C PRO A 184 8.05 4.95 12.87
N GLY A 185 9.13 4.17 12.85
CA GLY A 185 9.10 2.78 13.36
C GLY A 185 9.28 2.79 14.88
N GLY A 186 9.85 1.74 15.43
CA GLY A 186 10.12 1.70 16.87
C GLY A 186 11.26 2.64 17.23
N ILE A 187 10.96 3.80 17.80
CA ILE A 187 11.99 4.78 18.24
C ILE A 187 12.18 4.63 19.74
N ASP A 188 13.43 4.58 20.19
CA ASP A 188 13.80 4.46 21.63
C ASP A 188 13.41 5.74 22.38
N THR A 189 12.19 5.76 22.91
CA THR A 189 11.62 6.90 23.68
C THR A 189 10.88 6.31 24.88
N PRO A 190 10.50 7.13 25.88
CA PRO A 190 9.62 6.66 26.97
C PRO A 190 8.30 6.08 26.48
N MET A 191 7.71 6.63 25.40
CA MET A 191 6.44 6.08 24.85
C MET A 191 6.63 4.62 24.43
N LEU A 192 7.68 4.28 23.67
CA LEU A 192 7.89 2.87 23.27
C LEU A 192 8.10 2.00 24.51
N GLY A 193 8.86 2.49 25.49
CA GLY A 193 9.06 1.78 26.78
C GLY A 193 7.72 1.43 27.45
N SER A 194 6.82 2.42 27.55
CA SER A 194 5.46 2.28 28.15
C SER A 194 4.65 1.25 27.37
N ILE A 195 4.72 1.28 26.03
CA ILE A 195 3.97 0.31 25.19
C ILE A 195 4.48 -1.10 25.52
N MET A 196 5.80 -1.31 25.56
CA MET A 196 6.33 -2.67 25.81
C MET A 196 6.02 -3.17 27.23
N ASP A 197 6.09 -2.28 28.23
CA ASP A 197 5.75 -2.61 29.65
C ASP A 197 4.27 -3.04 29.72
N LYS A 198 3.37 -2.25 29.14
CA LYS A 198 1.91 -2.51 29.18
C LYS A 198 1.60 -3.80 28.41
N ALA A 199 2.32 -4.09 27.32
CA ALA A 199 2.15 -5.35 26.56
C ALA A 199 2.45 -6.57 27.45
N VAL A 200 3.46 -6.46 28.32
CA VAL A 200 3.84 -7.55 29.27
C VAL A 200 2.71 -7.68 30.31
N GLU A 201 2.28 -6.56 30.91
CA GLU A 201 1.18 -6.49 31.91
C GLU A 201 -0.09 -7.17 31.37
N LEU A 202 -0.42 -7.01 30.09
CA LEU A 202 -1.59 -7.65 29.42
C LEU A 202 -1.28 -9.10 29.08
N GLY A 203 -0.04 -9.54 29.25
CA GLY A 203 0.41 -10.91 28.89
C GLY A 203 0.50 -11.13 27.39
N ALA A 204 0.77 -10.09 26.60
CA ALA A 204 1.07 -10.24 25.15
C ALA A 204 2.50 -10.77 24.96
N ALA A 205 3.38 -10.54 25.93
CA ALA A 205 4.80 -10.99 25.89
C ALA A 205 5.17 -11.60 27.23
N PRO A 206 5.90 -12.75 27.25
CA PRO A 206 6.43 -13.35 28.48
C PRO A 206 7.22 -12.39 29.39
N SER A 207 8.02 -11.48 28.82
CA SER A 207 8.80 -10.49 29.60
C SER A 207 9.13 -9.28 28.75
N ARG A 208 9.57 -8.20 29.38
CA ARG A 208 9.94 -6.93 28.72
C ARG A 208 11.14 -7.18 27.80
N GLU A 209 12.04 -8.10 28.17
CA GLU A 209 13.26 -8.40 27.38
C GLU A 209 12.87 -9.07 26.07
N VAL A 210 11.96 -10.04 26.13
CA VAL A 210 11.49 -10.79 24.93
C VAL A 210 10.67 -9.83 24.05
N ALA A 211 9.84 -8.97 24.63
CA ALA A 211 9.05 -7.94 23.90
C ALA A 211 10.02 -7.06 23.09
N GLN A 212 11.05 -6.53 23.74
CA GLN A 212 12.03 -5.61 23.13
C GLN A 212 12.77 -6.31 21.98
N ALA A 213 13.24 -7.52 22.21
CA ALA A 213 14.00 -8.31 21.20
C ALA A 213 13.13 -8.59 19.98
N ALA A 214 11.86 -8.97 20.17
CA ALA A 214 10.90 -9.29 19.08
C ALA A 214 10.70 -8.03 18.24
N MET A 215 10.47 -6.91 18.90
CA MET A 215 10.26 -5.61 18.21
C MET A 215 11.52 -5.27 17.40
N GLU A 216 12.71 -5.41 17.98
CA GLU A 216 13.99 -5.13 17.25
C GLU A 216 14.13 -6.03 16.03
N MET A 217 13.84 -7.31 16.16
CA MET A 217 14.04 -8.28 15.06
C MET A 217 13.02 -8.04 13.94
N ARG A 218 11.88 -7.43 14.25
CA ARG A 218 10.86 -7.11 13.25
C ARG A 218 11.34 -5.98 12.32
N HIS A 219 12.27 -5.17 12.78
CA HIS A 219 12.87 -4.10 11.92
C HIS A 219 14.01 -4.72 11.14
N PRO A 220 13.98 -4.75 9.79
CA PRO A 220 15.11 -5.29 9.02
C PRO A 220 16.47 -4.70 9.39
N ILE A 221 16.52 -3.41 9.73
CA ILE A 221 17.80 -2.76 10.17
C ILE A 221 18.30 -3.38 11.49
N GLY A 222 17.44 -4.02 12.28
CA GLY A 222 17.83 -4.90 13.40
C GLY A 222 17.97 -4.20 14.72
N ARG A 223 17.41 -2.99 14.87
CA ARG A 223 17.48 -2.20 16.12
C ARG A 223 16.35 -1.20 16.13
N MET A 224 16.06 -0.64 17.31
CA MET A 224 15.21 0.55 17.47
C MET A 224 15.90 1.74 16.78
N GLY A 225 15.11 2.72 16.37
CA GLY A 225 15.64 4.03 15.92
C GLY A 225 15.98 4.91 17.10
N ARG A 226 16.86 5.89 16.88
CA ARG A 226 17.14 6.93 17.88
C ARG A 226 16.30 8.15 17.51
N PRO A 227 15.83 8.93 18.51
CA PRO A 227 15.06 10.14 18.22
C PRO A 227 15.75 11.05 17.20
N ALA A 228 17.07 11.21 17.26
CA ALA A 228 17.82 12.08 16.30
C ALA A 228 17.64 11.59 14.85
N GLU A 229 17.31 10.33 14.62
CA GLU A 229 17.14 9.79 13.23
C GLU A 229 15.84 10.29 12.59
N MET A 230 14.98 11.00 13.34
CA MET A 230 13.72 11.58 12.79
C MET A 230 13.95 13.00 12.25
N GLY A 231 15.02 13.69 12.66
CA GLY A 231 15.17 15.13 12.42
C GLY A 231 15.36 15.49 10.95
N GLY A 232 16.24 14.78 10.24
CA GLY A 232 16.58 15.14 8.85
C GLY A 232 15.34 15.02 7.96
N GLY A 233 14.51 14.00 8.15
CA GLY A 233 13.31 13.79 7.34
C GLY A 233 12.33 14.94 7.50
N VAL A 234 12.16 15.42 8.73
CA VAL A 234 11.24 16.57 8.99
C VAL A 234 11.84 17.82 8.36
N VAL A 235 13.13 18.04 8.50
CA VAL A 235 13.79 19.21 7.85
C VAL A 235 13.53 19.15 6.33
N TYR A 236 13.79 18.00 5.71
CA TYR A 236 13.52 17.82 4.26
C TYR A 236 12.09 18.22 3.92
N LEU A 237 11.09 17.67 4.62
CA LEU A 237 9.68 17.92 4.27
C LEU A 237 9.31 19.40 4.44
N CYS A 238 9.88 20.06 5.43
CA CYS A 238 9.61 21.49 5.71
C CYS A 238 10.31 22.39 4.68
N SER A 239 11.29 21.86 3.94
CA SER A 239 12.18 22.66 3.03
C SER A 239 11.56 22.79 1.64
N ASP A 240 12.07 23.79 0.89
CA ASP A 240 11.68 23.98 -0.53
C ASP A 240 12.23 22.82 -1.39
N ALA A 241 13.21 22.05 -0.91
CA ALA A 241 13.71 20.86 -1.64
C ALA A 241 12.55 19.85 -1.79
N ALA A 242 11.52 19.87 -0.94
CA ALA A 242 10.37 18.95 -0.97
C ALA A 242 9.17 19.60 -1.66
N SER A 243 9.40 20.56 -2.58
CA SER A 243 8.32 21.29 -3.27
C SER A 243 7.37 20.38 -4.06
N PHE A 244 7.79 19.18 -4.48
CA PHE A 244 6.92 18.25 -5.22
C PHE A 244 6.40 17.13 -4.32
N VAL A 245 6.50 17.29 -3.01
CA VAL A 245 6.09 16.25 -2.02
C VAL A 245 4.89 16.78 -1.23
N THR A 246 3.73 16.23 -1.51
CA THR A 246 2.46 16.47 -0.78
C THR A 246 1.65 15.18 -0.79
N CYS A 247 0.79 15.03 0.21
CA CYS A 247 -0.10 13.87 0.44
C CYS A 247 0.71 12.60 0.72
N THR A 248 2.00 12.68 0.98
CA THR A 248 2.88 11.49 0.93
C THR A 248 2.99 10.86 2.32
N GLU A 249 3.25 9.55 2.32
CA GLU A 249 3.67 8.77 3.52
C GLU A 249 5.19 8.75 3.57
N PHE A 250 5.76 9.53 4.46
CA PHE A 250 7.21 9.68 4.63
C PHE A 250 7.63 8.70 5.73
N VAL A 251 8.22 7.58 5.37
CA VAL A 251 8.46 6.46 6.31
C VAL A 251 9.91 6.51 6.82
N MET A 252 10.08 6.47 8.14
CA MET A 252 11.42 6.38 8.79
C MET A 252 11.35 5.24 9.80
N ASP A 253 11.40 4.00 9.33
CA ASP A 253 10.98 2.81 10.15
C ASP A 253 11.97 1.66 10.09
N GLY A 254 13.18 1.89 9.57
CA GLY A 254 14.20 0.83 9.52
C GLY A 254 13.75 -0.37 8.71
N GLY A 255 12.79 -0.17 7.82
CA GLY A 255 12.25 -1.19 6.92
C GLY A 255 11.05 -1.95 7.47
N PHE A 256 10.58 -1.63 8.68
CA PHE A 256 9.53 -2.37 9.41
C PHE A 256 8.35 -2.69 8.48
N SER A 257 7.81 -1.68 7.81
CA SER A 257 6.51 -1.82 7.10
C SER A 257 6.68 -2.58 5.78
N GLN A 258 7.91 -2.72 5.28
CA GLN A 258 8.17 -3.21 3.91
C GLN A 258 8.54 -4.69 3.87
N VAL A 259 8.58 -5.33 5.05
CA VAL A 259 8.70 -6.80 5.22
C VAL A 259 7.51 -7.27 6.09
N ILE B 3 -18.69 -22.17 -1.58
CA ILE B 3 -18.96 -20.85 -0.94
C ILE B 3 -20.46 -20.79 -0.63
N ALA B 4 -20.84 -20.94 0.63
CA ALA B 4 -22.24 -20.85 1.09
C ALA B 4 -22.26 -20.46 2.56
N LEU B 5 -23.45 -20.10 3.04
CA LEU B 5 -23.64 -19.62 4.42
C LEU B 5 -24.68 -20.50 5.14
N ASN B 6 -24.66 -21.81 4.90
CA ASN B 6 -25.58 -22.74 5.64
C ASN B 6 -25.36 -22.57 7.14
N ASN B 7 -26.45 -22.34 7.90
CA ASN B 7 -26.42 -22.28 9.40
C ASN B 7 -25.66 -21.04 9.87
N VAL B 8 -25.48 -20.03 9.02
CA VAL B 8 -24.81 -18.77 9.43
C VAL B 8 -25.89 -17.80 9.87
N VAL B 9 -25.82 -17.40 11.14
CA VAL B 9 -26.63 -16.30 11.70
C VAL B 9 -25.87 -14.99 11.47
N ALA B 10 -26.42 -14.12 10.65
CA ALA B 10 -25.76 -12.86 10.21
C ALA B 10 -26.56 -11.67 10.70
N VAL B 11 -25.87 -10.66 11.23
CA VAL B 11 -26.42 -9.33 11.55
C VAL B 11 -25.91 -8.38 10.48
N VAL B 12 -26.81 -7.67 9.81
CA VAL B 12 -26.42 -6.68 8.76
C VAL B 12 -27.02 -5.33 9.11
N THR B 13 -26.18 -4.32 9.38
CA THR B 13 -26.62 -2.95 9.69
C THR B 13 -26.75 -2.12 8.41
N GLY B 14 -27.50 -1.03 8.48
CA GLY B 14 -27.78 -0.18 7.31
C GLY B 14 -28.49 -0.95 6.22
N ALA B 15 -29.28 -1.95 6.62
CA ALA B 15 -29.86 -2.97 5.73
C ALA B 15 -30.88 -2.37 4.76
N ALA B 16 -31.42 -1.19 5.02
CA ALA B 16 -32.45 -0.56 4.16
C ALA B 16 -31.81 0.33 3.07
N GLY B 17 -30.48 0.53 3.10
CA GLY B 17 -29.80 1.38 2.10
C GLY B 17 -29.54 0.65 0.79
N GLY B 18 -28.89 1.34 -0.16
CA GLY B 18 -28.61 0.80 -1.51
C GLY B 18 -27.83 -0.49 -1.47
N ILE B 19 -26.68 -0.49 -0.78
CA ILE B 19 -25.85 -1.71 -0.70
C ILE B 19 -26.51 -2.70 0.27
N GLY B 20 -27.00 -2.23 1.43
CA GLY B 20 -27.59 -3.09 2.47
C GLY B 20 -28.64 -4.03 1.93
N ARG B 21 -29.56 -3.51 1.10
CA ARG B 21 -30.65 -4.36 0.55
C ARG B 21 -30.07 -5.50 -0.27
N GLU B 22 -29.04 -5.20 -1.06
CA GLU B 22 -28.39 -6.21 -1.92
C GLU B 22 -27.60 -7.20 -1.06
N LEU B 23 -26.95 -6.75 0.03
CA LEU B 23 -26.23 -7.67 0.94
C LEU B 23 -27.24 -8.69 1.53
N VAL B 24 -28.39 -8.21 1.99
CA VAL B 24 -29.36 -9.15 2.64
C VAL B 24 -29.81 -10.20 1.61
N LYS B 25 -30.15 -9.79 0.39
CA LYS B 25 -30.60 -10.71 -0.68
C LYS B 25 -29.50 -11.73 -1.00
N ALA B 26 -28.25 -11.26 -1.15
CA ALA B 26 -27.12 -12.17 -1.48
C ALA B 26 -26.90 -13.19 -0.37
N MET B 27 -26.95 -12.75 0.87
CA MET B 27 -26.66 -13.64 2.02
C MET B 27 -27.81 -14.65 2.20
N LYS B 28 -29.05 -14.22 1.96
CA LYS B 28 -30.23 -15.14 2.01
C LYS B 28 -30.09 -16.17 0.89
N ALA B 29 -29.69 -15.73 -0.30
CA ALA B 29 -29.53 -16.62 -1.47
C ALA B 29 -28.45 -17.67 -1.18
N ALA B 30 -27.49 -17.39 -0.28
CA ALA B 30 -26.44 -18.35 0.14
C ALA B 30 -26.89 -19.12 1.39
N ASN B 31 -28.15 -18.96 1.81
CA ASN B 31 -28.84 -19.74 2.88
C ASN B 31 -28.53 -19.21 4.28
N ALA B 32 -28.06 -17.98 4.43
CA ALA B 32 -27.84 -17.40 5.77
C ALA B 32 -29.21 -17.15 6.43
N ILE B 33 -29.21 -17.16 7.75
CA ILE B 33 -30.27 -16.54 8.59
C ILE B 33 -29.89 -15.09 8.80
N VAL B 34 -30.71 -14.14 8.38
CA VAL B 34 -30.30 -12.70 8.40
C VAL B 34 -31.18 -11.91 9.36
N ILE B 35 -30.51 -11.28 10.34
CA ILE B 35 -31.08 -10.20 11.18
C ILE B 35 -30.65 -8.88 10.56
N ALA B 36 -31.60 -8.15 9.99
CA ALA B 36 -31.39 -6.89 9.25
C ALA B 36 -31.77 -5.72 10.15
N THR B 37 -31.00 -4.63 10.17
CA THR B 37 -31.27 -3.46 11.04
C THR B 37 -31.01 -2.18 10.28
N ASP B 38 -31.73 -1.11 10.60
CA ASP B 38 -31.54 0.25 10.07
C ASP B 38 -32.30 1.22 10.95
N MET B 39 -32.16 2.53 10.71
CA MET B 39 -32.91 3.62 11.40
C MET B 39 -34.42 3.51 11.10
N ALA B 40 -34.82 3.05 9.91
CA ALA B 40 -36.22 3.04 9.48
C ALA B 40 -37.02 2.02 10.30
N PRO B 41 -38.31 2.30 10.64
CA PRO B 41 -39.16 1.30 11.29
C PRO B 41 -39.66 0.20 10.34
N SER B 42 -39.48 0.39 9.01
CA SER B 42 -39.81 -0.62 7.96
C SER B 42 -38.94 -0.36 6.73
N ALA B 43 -38.85 -1.31 5.82
CA ALA B 43 -37.90 -1.24 4.69
C ALA B 43 -38.31 -2.26 3.63
N ASP B 44 -37.93 -2.01 2.37
CA ASP B 44 -38.08 -3.05 1.31
C ASP B 44 -36.78 -3.84 1.28
N VAL B 45 -36.52 -4.46 2.43
CA VAL B 45 -35.51 -5.52 2.61
C VAL B 45 -36.25 -6.85 2.43
N GLU B 46 -35.93 -7.56 1.36
CA GLU B 46 -36.37 -8.95 1.11
C GLU B 46 -35.26 -9.89 1.58
N GLY B 47 -35.64 -11.04 2.13
CA GLY B 47 -34.72 -12.10 2.60
C GLY B 47 -34.32 -11.96 4.07
N ALA B 48 -34.81 -10.95 4.79
CA ALA B 48 -34.55 -10.81 6.24
C ALA B 48 -35.44 -11.78 7.02
N ASP B 49 -34.86 -12.58 7.93
CA ASP B 49 -35.63 -13.39 8.92
C ASP B 49 -36.19 -12.47 10.01
N HIS B 50 -35.46 -11.43 10.37
CA HIS B 50 -35.86 -10.43 11.39
C HIS B 50 -35.42 -9.06 10.90
N TYR B 51 -36.24 -8.05 11.09
CA TYR B 51 -35.87 -6.64 10.87
C TYR B 51 -36.04 -5.89 12.18
N LEU B 52 -35.02 -5.14 12.58
CA LEU B 52 -35.03 -4.33 13.82
C LEU B 52 -34.73 -2.89 13.45
N GLN B 53 -35.51 -1.98 13.98
CA GLN B 53 -35.17 -0.54 14.03
C GLN B 53 -33.97 -0.43 14.96
N HIS B 54 -32.89 0.23 14.56
CA HIS B 54 -31.59 0.16 15.29
C HIS B 54 -30.75 1.39 14.96
N ASP B 55 -30.40 2.20 15.97
CA ASP B 55 -29.45 3.30 15.81
C ASP B 55 -28.07 2.73 16.18
N VAL B 56 -27.15 2.63 15.20
CA VAL B 56 -25.86 1.94 15.44
C VAL B 56 -24.99 2.78 16.38
N THR B 57 -25.35 4.01 16.70
CA THR B 57 -24.59 4.85 17.67
C THR B 57 -25.03 4.54 19.11
N SER B 58 -26.07 3.73 19.30
CA SER B 58 -26.71 3.49 20.62
C SER B 58 -26.32 2.12 21.16
N GLU B 59 -25.64 2.10 22.31
CA GLU B 59 -25.32 0.83 23.03
C GLU B 59 -26.61 0.07 23.34
N ALA B 60 -27.64 0.76 23.81
CA ALA B 60 -28.95 0.13 24.13
C ALA B 60 -29.53 -0.55 22.88
N GLY B 61 -29.46 0.10 21.71
CA GLY B 61 -29.89 -0.48 20.42
C GLY B 61 -29.16 -1.76 20.11
N TRP B 62 -27.83 -1.75 20.20
CA TRP B 62 -27.00 -2.97 20.02
C TRP B 62 -27.38 -4.07 21.01
N LYS B 63 -27.65 -3.72 22.27
CA LYS B 63 -28.02 -4.75 23.30
C LYS B 63 -29.36 -5.43 22.91
N ALA B 64 -30.28 -4.70 22.29
CA ALA B 64 -31.57 -5.26 21.82
C ALA B 64 -31.31 -6.25 20.68
N VAL B 65 -30.36 -5.94 19.79
CA VAL B 65 -29.96 -6.85 18.68
C VAL B 65 -29.36 -8.11 19.30
N ALA B 66 -28.45 -7.96 20.27
CA ALA B 66 -27.80 -9.10 20.95
C ALA B 66 -28.86 -10.00 21.63
N ALA B 67 -29.85 -9.38 22.26
CA ALA B 67 -30.92 -10.08 23.02
C ALA B 67 -31.73 -10.98 22.06
N LEU B 68 -32.08 -10.46 20.88
CA LEU B 68 -32.83 -11.23 19.86
C LEU B 68 -31.99 -12.41 19.36
N ALA B 69 -30.73 -12.17 18.99
CA ALA B 69 -29.85 -13.25 18.49
C ALA B 69 -29.64 -14.30 19.60
N GLN B 70 -29.44 -13.86 20.83
CA GLN B 70 -29.20 -14.77 21.99
C GLN B 70 -30.44 -15.68 22.17
N GLU B 71 -31.63 -15.10 22.19
CA GLU B 71 -32.91 -15.82 22.45
C GLU B 71 -33.18 -16.79 21.30
N LYS B 72 -33.10 -16.34 20.04
CA LYS B 72 -33.50 -17.15 18.86
C LYS B 72 -32.41 -18.14 18.48
N TYR B 73 -31.11 -17.81 18.60
CA TYR B 73 -30.04 -18.60 17.93
C TYR B 73 -28.89 -18.99 18.88
N GLY B 74 -28.57 -18.17 19.87
CA GLY B 74 -27.48 -18.42 20.83
C GLY B 74 -26.09 -18.11 20.26
N ARG B 75 -26.01 -17.52 19.06
CA ARG B 75 -24.69 -17.16 18.46
C ARG B 75 -24.91 -16.09 17.40
N VAL B 76 -23.82 -15.44 17.02
CA VAL B 76 -23.74 -14.66 15.74
C VAL B 76 -22.52 -15.19 14.99
N ASP B 77 -22.72 -15.66 13.75
CA ASP B 77 -21.65 -16.23 12.90
C ASP B 77 -21.04 -15.10 12.01
N ALA B 78 -21.82 -14.09 11.65
CA ALA B 78 -21.36 -13.01 10.74
C ALA B 78 -21.97 -11.69 11.17
N LEU B 79 -21.15 -10.65 11.21
CA LEU B 79 -21.55 -9.30 11.60
C LEU B 79 -21.03 -8.35 10.51
N VAL B 80 -21.96 -7.73 9.80
CA VAL B 80 -21.65 -6.84 8.65
C VAL B 80 -22.00 -5.42 9.06
N HIS B 81 -20.98 -4.62 9.35
CA HIS B 81 -21.08 -3.19 9.72
C HIS B 81 -21.15 -2.36 8.45
N ASN B 82 -22.36 -2.12 7.98
CA ASN B 82 -22.63 -1.49 6.65
C ASN B 82 -23.23 -0.10 6.85
N ALA B 83 -23.84 0.20 7.99
CA ALA B 83 -24.36 1.54 8.29
C ALA B 83 -23.23 2.57 8.19
N GLY B 84 -23.53 3.73 7.65
CA GLY B 84 -22.52 4.74 7.37
C GLY B 84 -23.15 6.01 6.88
N ILE B 85 -22.46 7.12 7.09
CA ILE B 85 -22.85 8.46 6.54
C ILE B 85 -21.64 9.09 5.86
N SER B 86 -21.90 10.11 5.04
CA SER B 86 -20.88 10.96 4.42
C SER B 86 -21.27 12.42 4.60
N ILE B 87 -20.27 13.28 4.55
CA ILE B 87 -20.44 14.75 4.37
C ILE B 87 -19.39 15.16 3.35
N VAL B 88 -19.61 16.31 2.73
CA VAL B 88 -18.65 16.89 1.75
C VAL B 88 -18.54 18.35 2.17
N THR B 89 -17.35 18.79 2.58
CA THR B 89 -17.20 20.12 3.22
C THR B 89 -15.83 20.68 2.86
N LYS B 90 -15.70 21.99 2.97
CA LYS B 90 -14.40 22.70 2.98
C LYS B 90 -13.82 22.55 4.39
N PHE B 91 -12.63 21.97 4.51
CA PHE B 91 -11.96 21.72 5.81
C PHE B 91 -12.04 22.95 6.74
N GLU B 92 -11.67 24.11 6.23
CA GLU B 92 -11.57 25.34 7.07
C GLU B 92 -12.94 25.76 7.62
N ASP B 93 -14.03 25.28 7.03
CA ASP B 93 -15.42 25.64 7.42
C ASP B 93 -16.06 24.48 8.17
N THR B 94 -15.31 23.42 8.49
CA THR B 94 -15.89 22.19 9.07
C THR B 94 -15.71 22.23 10.58
N PRO B 95 -16.77 22.40 11.39
CA PRO B 95 -16.60 22.32 12.84
C PRO B 95 -16.16 20.91 13.28
N LEU B 96 -15.42 20.86 14.39
CA LEU B 96 -14.94 19.59 14.97
C LEU B 96 -16.16 18.66 15.18
N SER B 97 -17.32 19.19 15.57
CA SER B 97 -18.54 18.37 15.79
C SER B 97 -18.94 17.59 14.53
N ASP B 98 -18.68 18.11 13.32
CA ASP B 98 -18.95 17.39 12.04
C ASP B 98 -18.03 16.17 11.91
N PHE B 99 -16.73 16.32 12.20
CA PHE B 99 -15.80 15.17 12.23
C PHE B 99 -16.31 14.14 13.24
N HIS B 100 -16.71 14.59 14.43
CA HIS B 100 -17.15 13.70 15.52
C HIS B 100 -18.42 12.95 15.11
N ARG B 101 -19.37 13.63 14.45
CA ARG B 101 -20.64 12.99 14.02
C ARG B 101 -20.35 11.86 13.02
N VAL B 102 -19.50 12.13 12.02
CA VAL B 102 -19.11 11.10 11.02
C VAL B 102 -18.39 9.95 11.73
N ASN B 103 -17.51 10.24 12.68
CA ASN B 103 -16.79 9.19 13.46
C ASN B 103 -17.81 8.36 14.25
N THR B 104 -18.82 8.99 14.86
CA THR B 104 -19.78 8.29 15.73
C THR B 104 -20.54 7.25 14.91
N VAL B 105 -21.01 7.61 13.71
CA VAL B 105 -21.78 6.65 12.90
C VAL B 105 -20.85 5.62 12.24
N ASN B 106 -19.70 6.05 11.70
CA ASN B 106 -18.88 5.22 10.79
C ASN B 106 -17.92 4.33 11.58
N VAL B 107 -17.44 4.77 12.74
CA VAL B 107 -16.39 4.07 13.53
C VAL B 107 -16.94 3.59 14.88
N ASP B 108 -17.55 4.47 15.67
CA ASP B 108 -18.04 4.09 17.03
C ASP B 108 -19.07 2.97 16.94
N SER B 109 -19.88 2.97 15.89
CA SER B 109 -20.82 1.85 15.57
C SER B 109 -20.09 0.51 15.61
N ILE B 110 -18.93 0.42 14.95
CA ILE B 110 -18.15 -0.84 14.90
C ILE B 110 -17.60 -1.16 16.30
N ILE B 111 -17.11 -0.17 17.02
CA ILE B 111 -16.54 -0.40 18.36
C ILE B 111 -17.66 -0.91 19.30
N ILE B 112 -18.74 -0.14 19.41
CA ILE B 112 -19.88 -0.48 20.34
C ILE B 112 -20.48 -1.81 19.92
N GLY B 113 -20.81 -1.98 18.63
CA GLY B 113 -21.50 -3.18 18.16
C GLY B 113 -20.64 -4.41 18.32
N THR B 114 -19.35 -4.35 17.98
CA THR B 114 -18.47 -5.53 18.09
C THR B 114 -18.27 -5.88 19.60
N GLN B 115 -18.16 -4.91 20.48
CA GLN B 115 -18.05 -5.16 21.95
C GLN B 115 -19.33 -5.83 22.45
N VAL B 116 -20.49 -5.28 22.12
CA VAL B 116 -21.80 -5.82 22.61
C VAL B 116 -22.00 -7.23 22.06
N LEU B 117 -21.65 -7.49 20.79
CA LEU B 117 -21.87 -8.81 20.17
C LEU B 117 -20.72 -9.79 20.39
N LEU B 118 -19.66 -9.39 21.12
CA LEU B 118 -18.45 -10.25 21.20
C LEU B 118 -18.76 -11.61 21.82
N PRO B 119 -19.52 -11.71 22.94
CA PRO B 119 -19.87 -13.03 23.46
C PRO B 119 -20.55 -13.93 22.41
N LEU B 120 -21.50 -13.39 21.65
CA LEU B 120 -22.20 -14.16 20.59
C LEU B 120 -21.24 -14.52 19.45
N LEU B 121 -20.31 -13.63 19.09
CA LEU B 121 -19.31 -13.92 18.04
C LEU B 121 -18.36 -15.03 18.52
N LYS B 122 -18.01 -15.04 19.80
CA LYS B 122 -17.16 -16.15 20.35
C LYS B 122 -17.91 -17.47 20.19
N GLU B 123 -19.24 -17.48 20.36
CA GLU B 123 -20.06 -18.70 20.12
C GLU B 123 -19.98 -19.06 18.63
N GLY B 124 -20.05 -18.07 17.73
CA GLY B 124 -19.82 -18.30 16.30
C GLY B 124 -18.45 -18.91 16.04
N GLY B 125 -17.42 -18.45 16.76
CA GLY B 125 -16.05 -18.98 16.64
C GLY B 125 -15.97 -20.45 17.01
N LYS B 126 -16.86 -20.92 17.89
CA LYS B 126 -16.90 -22.36 18.31
C LYS B 126 -17.75 -23.17 17.31
N ALA B 127 -18.67 -22.53 16.59
CA ALA B 127 -19.66 -23.21 15.71
C ALA B 127 -19.03 -23.56 14.36
N ARG B 128 -18.06 -22.79 13.87
CA ARG B 128 -17.48 -23.02 12.53
C ARG B 128 -15.96 -23.05 12.66
N ALA B 129 -15.32 -24.01 12.00
CA ALA B 129 -13.85 -24.14 11.94
C ALA B 129 -13.26 -22.82 11.42
N GLY B 130 -13.86 -22.23 10.39
CA GLY B 130 -13.34 -21.01 9.72
C GLY B 130 -13.51 -19.77 10.59
N GLY B 131 -14.36 -19.83 11.63
CA GLY B 131 -14.54 -18.77 12.61
C GLY B 131 -15.77 -17.94 12.34
N ALA B 132 -16.11 -17.08 13.29
CA ALA B 132 -17.09 -16.00 13.07
C ALA B 132 -16.40 -14.99 12.12
N SER B 133 -17.18 -14.16 11.46
CA SER B 133 -16.64 -13.22 10.44
C SER B 133 -17.26 -11.84 10.67
N VAL B 134 -16.42 -10.83 10.89
CA VAL B 134 -16.84 -9.42 11.04
C VAL B 134 -16.37 -8.69 9.79
N VAL B 135 -17.30 -8.05 9.10
CA VAL B 135 -17.04 -7.38 7.79
C VAL B 135 -17.35 -5.92 8.02
N ASN B 136 -16.33 -5.06 7.91
CA ASN B 136 -16.44 -3.63 8.19
C ASN B 136 -16.41 -2.87 6.87
N PHE B 137 -17.42 -2.06 6.58
CA PHE B 137 -17.46 -1.26 5.34
C PHE B 137 -16.60 -0.02 5.52
N SER B 138 -15.44 -0.04 4.84
CA SER B 138 -14.58 1.13 4.60
C SER B 138 -14.99 1.70 3.24
N SER B 139 -14.02 2.06 2.44
CA SER B 139 -14.24 2.75 1.16
C SER B 139 -12.91 2.78 0.43
N VAL B 140 -12.91 3.00 -0.88
CA VAL B 140 -11.63 3.41 -1.54
C VAL B 140 -11.14 4.71 -0.89
N GLY B 141 -12.04 5.52 -0.33
CA GLY B 141 -11.67 6.72 0.45
C GLY B 141 -10.92 6.42 1.73
N GLY B 142 -10.88 5.16 2.18
CA GLY B 142 -10.01 4.73 3.29
C GLY B 142 -8.61 4.36 2.82
N LEU B 143 -8.38 4.28 1.49
CA LEU B 143 -7.10 3.91 0.85
C LEU B 143 -6.46 5.14 0.20
N ARG B 144 -7.27 5.99 -0.43
CA ARG B 144 -6.81 7.15 -1.20
C ARG B 144 -7.59 8.37 -0.70
N GLY B 145 -6.91 9.48 -0.51
CA GLY B 145 -7.53 10.75 -0.09
C GLY B 145 -8.29 11.42 -1.22
N ALA B 146 -9.02 12.48 -0.87
CA ALA B 146 -9.81 13.28 -1.83
C ALA B 146 -10.05 14.65 -1.21
N ALA B 147 -9.91 15.69 -2.01
CA ALA B 147 -10.31 17.07 -1.62
C ALA B 147 -11.79 17.06 -1.22
N PHE B 148 -12.13 17.75 -0.12
CA PHE B 148 -13.51 18.06 0.36
C PHE B 148 -14.15 16.83 1.01
N LEU B 149 -13.39 15.75 1.20
CA LEU B 149 -13.90 14.54 1.86
C LEU B 149 -13.05 14.20 3.10
N ALA B 150 -12.46 15.17 3.76
CA ALA B 150 -11.53 14.93 4.89
C ALA B 150 -12.24 14.14 6.00
N ALA B 151 -13.43 14.57 6.44
CA ALA B 151 -14.14 13.89 7.55
C ALA B 151 -14.47 12.45 7.16
N TYR B 152 -15.01 12.28 5.95
CA TYR B 152 -15.47 10.95 5.47
C TYR B 152 -14.27 10.01 5.31
N CYS B 153 -13.27 10.44 4.54
CA CYS B 153 -12.09 9.56 4.24
C CYS B 153 -11.38 9.22 5.56
N THR B 154 -11.21 10.20 6.44
CA THR B 154 -10.52 10.00 7.74
C THR B 154 -11.26 8.86 8.47
N SER B 155 -12.60 8.92 8.55
CA SER B 155 -13.39 7.88 9.25
C SER B 155 -13.19 6.53 8.58
N LYS B 156 -13.11 6.47 7.24
CA LYS B 156 -13.01 5.18 6.51
C LYS B 156 -11.60 4.59 6.67
N ALA B 157 -10.55 5.42 6.78
CA ALA B 157 -9.19 4.95 7.09
C ALA B 157 -9.17 4.39 8.51
N ALA B 158 -9.88 5.03 9.44
CA ALA B 158 -10.04 4.51 10.83
C ALA B 158 -10.72 3.15 10.80
N VAL B 159 -11.77 2.96 10.02
CA VAL B 159 -12.47 1.65 9.90
C VAL B 159 -11.47 0.59 9.43
N LYS B 160 -10.71 0.90 8.39
CA LYS B 160 -9.73 -0.02 7.77
C LYS B 160 -8.74 -0.50 8.83
N MET B 161 -8.19 0.42 9.60
CA MET B 161 -7.09 0.08 10.53
C MET B 161 -7.69 -0.64 11.75
N LEU B 162 -8.87 -0.22 12.22
CA LEU B 162 -9.57 -0.94 13.35
C LEU B 162 -9.74 -2.39 12.94
N SER B 163 -10.10 -2.66 11.69
CA SER B 163 -10.28 -4.03 11.15
C SER B 163 -8.99 -4.83 11.29
N LYS B 164 -7.85 -4.24 10.92
CA LYS B 164 -6.55 -4.97 11.00
C LYS B 164 -6.25 -5.28 12.48
N CYS B 165 -6.46 -4.34 13.37
CA CYS B 165 -6.13 -4.50 14.82
C CYS B 165 -7.03 -5.57 15.45
N LEU B 166 -8.34 -5.51 15.18
CA LEU B 166 -9.29 -6.52 15.75
C LEU B 166 -8.99 -7.90 15.19
N GLY B 167 -8.70 -8.05 13.89
CA GLY B 167 -8.34 -9.35 13.33
C GLY B 167 -7.14 -9.92 14.06
N ALA B 168 -6.12 -9.10 14.29
CA ALA B 168 -4.87 -9.56 14.94
C ALA B 168 -5.19 -9.92 16.41
N GLU B 169 -5.93 -9.08 17.09
CA GLU B 169 -6.20 -9.24 18.55
C GLU B 169 -7.08 -10.47 18.80
N PHE B 170 -8.17 -10.62 18.05
CA PHE B 170 -9.11 -11.76 18.27
C PHE B 170 -8.38 -13.07 17.99
N ALA B 171 -7.48 -13.10 17.01
CA ALA B 171 -6.66 -14.30 16.74
C ALA B 171 -5.69 -14.55 17.90
N ALA B 172 -4.99 -13.53 18.39
CA ALA B 172 -4.01 -13.67 19.50
C ALA B 172 -4.74 -14.19 20.77
N LEU B 173 -6.00 -13.81 20.99
CA LEU B 173 -6.75 -14.22 22.20
C LEU B 173 -7.42 -15.58 22.01
N GLY B 174 -7.30 -16.21 20.84
CA GLY B 174 -7.88 -17.52 20.49
C GLY B 174 -9.41 -17.51 20.33
N TYR B 175 -10.03 -16.41 19.92
CA TYR B 175 -11.51 -16.29 19.78
C TYR B 175 -12.04 -16.90 18.48
N ASN B 176 -11.19 -17.12 17.48
CA ASN B 176 -11.60 -17.64 16.15
C ASN B 176 -12.63 -16.71 15.53
N ILE B 177 -12.31 -15.41 15.49
CA ILE B 177 -13.15 -14.36 14.83
C ILE B 177 -12.26 -13.67 13.79
N ARG B 178 -12.61 -13.83 12.53
CA ARG B 178 -11.94 -13.13 11.41
C ARG B 178 -12.53 -11.74 11.29
N VAL B 179 -11.69 -10.74 10.98
CA VAL B 179 -12.16 -9.34 10.81
C VAL B 179 -11.50 -8.81 9.53
N ASN B 180 -12.30 -8.26 8.63
CA ASN B 180 -11.81 -7.75 7.32
C ASN B 180 -12.53 -6.45 7.00
N SER B 181 -11.87 -5.58 6.22
CA SER B 181 -12.48 -4.33 5.74
C SER B 181 -12.84 -4.50 4.27
N VAL B 182 -13.96 -3.89 3.87
CA VAL B 182 -14.40 -3.90 2.45
C VAL B 182 -14.27 -2.48 1.93
N HIS B 183 -13.80 -2.33 0.68
CA HIS B 183 -13.48 -1.03 0.09
C HIS B 183 -14.20 -0.90 -1.24
N PRO B 184 -15.47 -0.43 -1.22
CA PRO B 184 -16.17 -0.15 -2.47
C PRO B 184 -15.60 1.09 -3.16
N GLY B 185 -15.61 1.05 -4.49
CA GLY B 185 -15.35 2.23 -5.32
C GLY B 185 -16.63 3.05 -5.49
N GLY B 186 -16.76 3.76 -6.61
CA GLY B 186 -17.95 4.57 -6.86
C GLY B 186 -19.12 3.64 -7.20
N ILE B 187 -20.01 3.42 -6.26
CA ILE B 187 -21.21 2.56 -6.43
C ILE B 187 -22.40 3.50 -6.60
N ASP B 188 -23.25 3.19 -7.58
CA ASP B 188 -24.46 3.99 -7.91
C ASP B 188 -25.50 3.84 -6.80
N THR B 189 -25.43 4.69 -5.78
CA THR B 189 -26.34 4.68 -4.61
C THR B 189 -26.74 6.13 -4.32
N PRO B 190 -27.77 6.39 -3.50
CA PRO B 190 -28.07 7.76 -3.08
C PRO B 190 -26.88 8.45 -2.36
N MET B 191 -26.06 7.70 -1.62
CA MET B 191 -24.87 8.32 -0.96
C MET B 191 -23.92 8.91 -2.02
N LEU B 192 -23.55 8.17 -3.06
CA LEU B 192 -22.68 8.73 -4.13
C LEU B 192 -23.36 9.94 -4.79
N GLY B 193 -24.67 9.87 -5.04
CA GLY B 193 -25.44 11.00 -5.58
C GLY B 193 -25.32 12.25 -4.73
N SER B 194 -25.46 12.11 -3.41
CA SER B 194 -25.36 13.21 -2.41
C SER B 194 -23.96 13.80 -2.44
N ILE B 195 -22.95 12.93 -2.53
CA ILE B 195 -21.53 13.40 -2.56
C ILE B 195 -21.35 14.25 -3.83
N MET B 196 -21.81 13.78 -4.98
CA MET B 196 -21.59 14.50 -6.28
C MET B 196 -22.35 15.84 -6.26
N ASP B 197 -23.59 15.86 -5.75
CA ASP B 197 -24.42 17.09 -5.66
C ASP B 197 -23.72 18.12 -4.77
N LYS B 198 -23.27 17.70 -3.58
CA LYS B 198 -22.61 18.60 -2.60
C LYS B 198 -21.29 19.10 -3.18
N ALA B 199 -20.57 18.29 -3.96
CA ALA B 199 -19.32 18.71 -4.62
C ALA B 199 -19.58 19.86 -5.60
N VAL B 200 -20.71 19.83 -6.29
CA VAL B 200 -21.14 20.90 -7.24
C VAL B 200 -21.45 22.17 -6.42
N GLU B 201 -22.25 22.04 -5.36
CA GLU B 201 -22.64 23.17 -4.45
C GLU B 201 -21.39 23.88 -3.92
N LEU B 202 -20.32 23.16 -3.59
CA LEU B 202 -19.03 23.74 -3.10
C LEU B 202 -18.21 24.28 -4.27
N GLY B 203 -18.63 24.04 -5.51
CA GLY B 203 -17.88 24.44 -6.71
C GLY B 203 -16.63 23.61 -6.93
N ALA B 204 -16.58 22.36 -6.49
CA ALA B 204 -15.51 21.40 -6.85
C ALA B 204 -15.68 20.89 -8.29
N ALA B 205 -16.92 20.89 -8.79
CA ALA B 205 -17.27 20.39 -10.14
C ALA B 205 -18.20 21.39 -10.81
N PRO B 206 -18.02 21.70 -12.12
CA PRO B 206 -18.94 22.56 -12.88
C PRO B 206 -20.42 22.17 -12.78
N SER B 207 -20.72 20.88 -12.81
CA SER B 207 -22.11 20.32 -12.81
C SER B 207 -22.06 18.87 -12.35
N ARG B 208 -23.22 18.33 -12.00
CA ARG B 208 -23.38 16.92 -11.58
C ARG B 208 -22.97 15.98 -12.72
N GLU B 209 -23.23 16.37 -13.98
CA GLU B 209 -22.93 15.55 -15.19
C GLU B 209 -21.41 15.41 -15.34
N VAL B 210 -20.69 16.51 -15.20
CA VAL B 210 -19.21 16.51 -15.33
C VAL B 210 -18.59 15.74 -14.15
N ALA B 211 -19.12 15.92 -12.93
CA ALA B 211 -18.67 15.20 -11.71
C ALA B 211 -18.78 13.70 -11.98
N GLN B 212 -19.95 13.25 -12.45
CA GLN B 212 -20.23 11.81 -12.67
C GLN B 212 -19.30 11.24 -13.75
N ALA B 213 -19.09 11.93 -14.85
CA ALA B 213 -18.22 11.49 -15.96
C ALA B 213 -16.77 11.34 -15.47
N ALA B 214 -16.27 12.32 -14.72
CA ALA B 214 -14.88 12.33 -14.18
C ALA B 214 -14.71 11.10 -13.27
N MET B 215 -15.67 10.88 -12.38
CA MET B 215 -15.65 9.74 -11.43
C MET B 215 -15.67 8.42 -12.23
N GLU B 216 -16.50 8.27 -13.25
CA GLU B 216 -16.54 7.05 -14.10
C GLU B 216 -15.18 6.83 -14.77
N MET B 217 -14.57 7.86 -15.34
CA MET B 217 -13.30 7.72 -16.10
C MET B 217 -12.15 7.38 -15.16
N ARG B 218 -12.27 7.70 -13.87
CA ARG B 218 -11.21 7.39 -12.86
C ARG B 218 -11.20 5.88 -12.58
N HIS B 219 -12.32 5.17 -12.82
CA HIS B 219 -12.39 3.70 -12.65
C HIS B 219 -11.87 3.06 -13.94
N PRO B 220 -10.78 2.27 -13.92
CA PRO B 220 -10.33 1.57 -15.13
C PRO B 220 -11.43 0.79 -15.87
N ILE B 221 -12.34 0.16 -15.14
CA ILE B 221 -13.46 -0.61 -15.73
C ILE B 221 -14.40 0.33 -16.51
N GLY B 222 -14.40 1.64 -16.22
CA GLY B 222 -15.01 2.68 -17.09
C GLY B 222 -16.45 3.00 -16.73
N ARG B 223 -16.93 2.58 -15.56
CA ARG B 223 -18.31 2.85 -15.10
C ARG B 223 -18.36 2.79 -13.58
N MET B 224 -19.43 3.32 -13.00
CA MET B 224 -19.81 3.13 -11.59
C MET B 224 -20.16 1.66 -11.39
N GLY B 225 -20.01 1.17 -10.17
CA GLY B 225 -20.51 -0.14 -9.77
C GLY B 225 -22.00 -0.11 -9.47
N ARG B 226 -22.63 -1.27 -9.54
CA ARG B 226 -24.03 -1.46 -9.08
C ARG B 226 -23.98 -2.00 -7.67
N PRO B 227 -24.93 -1.62 -6.79
CA PRO B 227 -24.97 -2.15 -5.43
C PRO B 227 -24.92 -3.69 -5.39
N ALA B 228 -25.57 -4.38 -6.33
CA ALA B 228 -25.56 -5.86 -6.35
C ALA B 228 -24.13 -6.41 -6.52
N GLU B 229 -23.20 -5.62 -7.08
CA GLU B 229 -21.81 -6.08 -7.31
C GLU B 229 -21.03 -6.16 -5.99
N MET B 230 -21.59 -5.71 -4.87
CA MET B 230 -20.93 -5.79 -3.53
C MET B 230 -21.29 -7.11 -2.83
N GLY B 231 -22.38 -7.76 -3.22
CA GLY B 231 -22.94 -8.88 -2.42
C GLY B 231 -22.06 -10.12 -2.39
N GLY B 232 -21.54 -10.56 -3.53
CA GLY B 232 -20.72 -11.80 -3.58
C GLY B 232 -19.48 -11.69 -2.70
N GLY B 233 -18.81 -10.54 -2.69
CA GLY B 233 -17.60 -10.36 -1.86
C GLY B 233 -17.91 -10.50 -0.39
N VAL B 234 -19.03 -9.96 0.06
CA VAL B 234 -19.44 -10.06 1.46
C VAL B 234 -19.81 -11.51 1.76
N VAL B 235 -20.56 -12.17 0.88
CA VAL B 235 -20.86 -13.62 1.05
C VAL B 235 -19.55 -14.38 1.22
N TYR B 236 -18.59 -14.19 0.31
CA TYR B 236 -17.28 -14.89 0.38
C TYR B 236 -16.65 -14.65 1.76
N LEU B 237 -16.52 -13.40 2.21
CA LEU B 237 -15.80 -13.09 3.47
C LEU B 237 -16.52 -13.73 4.66
N CYS B 238 -17.85 -13.78 4.64
CA CYS B 238 -18.64 -14.39 5.75
C CYS B 238 -18.56 -15.91 5.73
N SER B 239 -18.14 -16.52 4.63
CA SER B 239 -18.16 -18.01 4.43
C SER B 239 -16.91 -18.68 5.00
N ASP B 240 -17.00 -19.98 5.23
CA ASP B 240 -15.86 -20.86 5.59
C ASP B 240 -14.81 -20.90 4.47
N ALA B 241 -15.19 -20.62 3.23
CA ALA B 241 -14.21 -20.56 2.11
C ALA B 241 -13.15 -19.48 2.40
N ALA B 242 -13.45 -18.47 3.23
CA ALA B 242 -12.53 -17.36 3.55
C ALA B 242 -11.81 -17.62 4.88
N SER B 243 -11.59 -18.88 5.24
CA SER B 243 -11.03 -19.27 6.56
C SER B 243 -9.61 -18.72 6.74
N PHE B 244 -8.87 -18.47 5.65
CA PHE B 244 -7.48 -17.93 5.78
C PHE B 244 -7.44 -16.41 5.50
N VAL B 245 -8.60 -15.74 5.52
CA VAL B 245 -8.70 -14.29 5.23
C VAL B 245 -9.08 -13.55 6.51
N THR B 246 -8.11 -12.81 7.05
CA THR B 246 -8.31 -11.91 8.19
C THR B 246 -7.35 -10.71 8.04
N CYS B 247 -7.75 -9.60 8.64
CA CYS B 247 -7.03 -8.30 8.63
C CYS B 247 -6.97 -7.71 7.22
N THR B 248 -7.72 -8.22 6.25
CA THR B 248 -7.44 -7.94 4.83
C THR B 248 -8.26 -6.74 4.35
N GLU B 249 -7.71 -6.02 3.36
CA GLU B 249 -8.45 -5.00 2.57
C GLU B 249 -9.06 -5.70 1.36
N PHE B 250 -10.37 -5.91 1.42
CA PHE B 250 -11.11 -6.59 0.35
C PHE B 250 -11.69 -5.51 -0.55
N VAL B 251 -11.08 -5.32 -1.73
CA VAL B 251 -11.37 -4.14 -2.58
C VAL B 251 -12.32 -4.56 -3.70
N MET B 252 -13.41 -3.82 -3.89
CA MET B 252 -14.38 -3.99 -5.00
C MET B 252 -14.62 -2.62 -5.61
N ASP B 253 -13.66 -2.16 -6.43
CA ASP B 253 -13.58 -0.73 -6.84
C ASP B 253 -13.34 -0.54 -8.33
N GLY B 254 -13.53 -1.56 -9.15
CA GLY B 254 -13.38 -1.40 -10.62
C GLY B 254 -11.98 -0.98 -11.01
N GLY B 255 -10.99 -1.23 -10.13
CA GLY B 255 -9.59 -0.88 -10.32
C GLY B 255 -9.20 0.51 -9.87
N PHE B 256 -10.13 1.29 -9.29
CA PHE B 256 -9.93 2.71 -8.95
C PHE B 256 -8.59 2.93 -8.22
N SER B 257 -8.33 2.12 -7.17
CA SER B 257 -7.21 2.37 -6.24
C SER B 257 -5.86 1.96 -6.87
N GLN B 258 -5.86 1.17 -7.94
CA GLN B 258 -4.66 0.48 -8.46
C GLN B 258 -4.08 1.19 -9.69
N VAL B 259 -4.73 2.24 -10.15
CA VAL B 259 -4.17 3.21 -11.14
C VAL B 259 -4.18 4.61 -10.48
N THR C 2 22.75 17.55 10.51
CA THR C 2 22.56 18.23 9.21
C THR C 2 22.42 17.18 8.09
N ILE C 3 21.84 17.60 6.97
CA ILE C 3 21.78 16.80 5.72
C ILE C 3 22.93 17.28 4.82
N ALA C 4 23.98 16.49 4.70
CA ALA C 4 25.12 16.80 3.82
C ALA C 4 25.78 15.50 3.39
N LEU C 5 26.64 15.62 2.39
CA LEU C 5 27.36 14.45 1.83
C LEU C 5 28.87 14.66 1.90
N ASN C 6 29.38 15.27 2.97
CA ASN C 6 30.85 15.46 3.13
C ASN C 6 31.51 14.08 3.05
N ASN C 7 32.54 13.93 2.19
CA ASN C 7 33.39 12.71 2.10
C ASN C 7 32.57 11.51 1.58
N VAL C 8 31.46 11.78 0.91
CA VAL C 8 30.66 10.73 0.24
C VAL C 8 31.13 10.60 -1.21
N VAL C 9 31.63 9.41 -1.54
CA VAL C 9 31.91 9.00 -2.94
C VAL C 9 30.64 8.39 -3.55
N ALA C 10 30.06 9.08 -4.53
CA ALA C 10 28.77 8.73 -5.14
C ALA C 10 29.00 8.34 -6.59
N VAL C 11 28.36 7.26 -7.03
CA VAL C 11 28.26 6.86 -8.44
C VAL C 11 26.84 7.16 -8.87
N VAL C 12 26.65 7.91 -9.93
CA VAL C 12 25.33 8.22 -10.50
C VAL C 12 25.30 7.78 -11.96
N THR C 13 24.44 6.82 -12.29
CA THR C 13 24.25 6.35 -13.68
C THR C 13 23.18 7.18 -14.40
N GLY C 14 23.17 7.15 -15.72
CA GLY C 14 22.25 7.98 -16.52
C GLY C 14 22.49 9.44 -16.25
N ALA C 15 23.72 9.83 -15.91
CA ALA C 15 24.05 11.15 -15.32
C ALA C 15 23.86 12.27 -16.34
N ALA C 16 23.85 11.97 -17.64
CA ALA C 16 23.69 12.99 -18.71
C ALA C 16 22.21 13.28 -19.01
N GLY C 17 21.26 12.52 -18.45
CA GLY C 17 19.83 12.73 -18.70
C GLY C 17 19.24 13.89 -17.88
N GLY C 18 17.94 14.13 -18.04
CA GLY C 18 17.24 15.28 -17.42
C GLY C 18 17.32 15.22 -15.90
N ILE C 19 16.95 14.09 -15.31
CA ILE C 19 17.02 13.96 -13.82
C ILE C 19 18.50 13.82 -13.39
N GLY C 20 19.26 12.98 -14.08
CA GLY C 20 20.69 12.71 -13.78
C GLY C 20 21.51 13.97 -13.58
N ARG C 21 21.40 14.94 -14.49
CA ARG C 21 22.23 16.17 -14.39
C ARG C 21 21.85 16.95 -13.13
N GLU C 22 20.56 16.97 -12.78
CA GLU C 22 20.09 17.66 -11.56
C GLU C 22 20.58 16.90 -10.32
N LEU C 23 20.57 15.56 -10.34
CA LEU C 23 21.09 14.78 -9.20
C LEU C 23 22.58 15.10 -8.97
N VAL C 24 23.39 15.14 -10.03
CA VAL C 24 24.84 15.38 -9.86
C VAL C 24 25.06 16.78 -9.24
N LYS C 25 24.36 17.80 -9.74
CA LYS C 25 24.47 19.19 -9.22
C LYS C 25 24.05 19.23 -7.74
N ALA C 26 22.95 18.57 -7.39
CA ALA C 26 22.44 18.56 -5.99
C ALA C 26 23.47 17.87 -5.08
N MET C 27 24.02 16.75 -5.50
CA MET C 27 24.96 15.97 -4.66
C MET C 27 26.28 16.72 -4.52
N LYS C 28 26.72 17.40 -5.58
CA LYS C 28 27.97 18.22 -5.49
C LYS C 28 27.73 19.40 -4.54
N ALA C 29 26.57 20.02 -4.62
CA ALA C 29 26.20 21.16 -3.75
C ALA C 29 26.20 20.71 -2.30
N ALA C 30 25.96 19.44 -2.00
CA ALA C 30 26.02 18.86 -0.64
C ALA C 30 27.41 18.30 -0.33
N ASN C 31 28.41 18.56 -1.19
CA ASN C 31 29.86 18.28 -0.99
C ASN C 31 30.24 16.83 -1.34
N ALA C 32 29.39 16.08 -2.04
CA ALA C 32 29.76 14.73 -2.48
C ALA C 32 30.88 14.80 -3.52
N ILE C 33 31.67 13.75 -3.58
CA ILE C 33 32.57 13.42 -4.72
C ILE C 33 31.74 12.57 -5.69
N VAL C 34 31.54 13.04 -6.92
CA VAL C 34 30.58 12.38 -7.84
C VAL C 34 31.31 11.79 -9.04
N ILE C 35 31.16 10.46 -9.20
CA ILE C 35 31.49 9.73 -10.45
C ILE C 35 30.19 9.62 -11.25
N ALA C 36 30.12 10.37 -12.37
CA ALA C 36 28.98 10.41 -13.28
C ALA C 36 29.23 9.44 -14.45
N THR C 37 28.23 8.67 -14.85
CA THR C 37 28.35 7.72 -15.97
C THR C 37 27.12 7.82 -16.87
N ASP C 38 27.32 7.64 -18.18
CA ASP C 38 26.23 7.58 -19.18
C ASP C 38 26.78 6.94 -20.45
N MET C 39 25.91 6.74 -21.43
CA MET C 39 26.22 5.99 -22.69
C MET C 39 27.21 6.79 -23.57
N ALA C 40 27.14 8.12 -23.54
CA ALA C 40 27.94 9.03 -24.40
C ALA C 40 29.43 8.88 -24.07
N PRO C 41 30.34 8.92 -25.08
CA PRO C 41 31.76 8.64 -24.82
C PRO C 41 32.45 9.73 -24.00
N SER C 42 31.93 10.95 -24.07
CA SER C 42 32.30 12.10 -23.22
C SER C 42 31.06 12.96 -22.97
N ALA C 43 31.12 13.76 -21.93
CA ALA C 43 30.01 14.64 -21.52
C ALA C 43 30.54 15.67 -20.53
N ASP C 44 29.94 16.84 -20.55
CA ASP C 44 30.21 17.94 -19.59
C ASP C 44 29.06 17.85 -18.61
N VAL C 45 29.22 17.07 -17.55
CA VAL C 45 28.18 16.98 -16.48
C VAL C 45 28.63 17.92 -15.36
N GLU C 46 27.92 19.03 -15.17
CA GLU C 46 28.26 20.06 -14.17
C GLU C 46 28.23 19.41 -12.78
N GLY C 47 29.33 19.54 -12.04
CA GLY C 47 29.47 19.01 -10.67
C GLY C 47 30.10 17.63 -10.61
N ALA C 48 30.36 16.97 -11.76
CA ALA C 48 31.01 15.64 -11.77
C ALA C 48 32.50 15.80 -11.52
N ASP C 49 33.07 15.06 -10.56
CA ASP C 49 34.53 14.91 -10.38
C ASP C 49 35.12 14.03 -11.50
N HIS C 50 34.36 13.03 -11.96
CA HIS C 50 34.82 12.06 -13.00
C HIS C 50 33.62 11.75 -13.90
N TYR C 51 33.86 11.58 -15.20
CA TYR C 51 32.83 11.07 -16.14
C TYR C 51 33.38 9.79 -16.75
N LEU C 52 32.57 8.73 -16.79
CA LEU C 52 32.92 7.48 -17.49
C LEU C 52 31.80 7.14 -18.48
N GLN C 53 32.18 6.76 -19.70
CA GLN C 53 31.24 6.10 -20.64
C GLN C 53 30.88 4.76 -20.00
N HIS C 54 29.60 4.42 -19.96
CA HIS C 54 29.14 3.26 -19.16
C HIS C 54 27.78 2.79 -19.66
N ASP C 55 27.75 1.56 -20.17
CA ASP C 55 26.49 0.86 -20.51
C ASP C 55 26.10 0.06 -19.27
N VAL C 56 24.99 0.41 -18.61
CA VAL C 56 24.64 -0.21 -17.31
C VAL C 56 24.23 -1.69 -17.53
N THR C 57 24.04 -2.15 -18.76
CA THR C 57 23.73 -3.57 -19.05
C THR C 57 25.01 -4.39 -19.15
N SER C 58 26.18 -3.76 -19.12
CA SER C 58 27.51 -4.40 -19.35
C SER C 58 28.26 -4.60 -18.02
N GLU C 59 28.52 -5.85 -17.66
CA GLU C 59 29.35 -6.18 -16.47
C GLU C 59 30.74 -5.57 -16.63
N ALA C 60 31.33 -5.64 -17.83
CA ALA C 60 32.65 -5.02 -18.09
C ALA C 60 32.61 -3.51 -17.80
N GLY C 61 31.54 -2.82 -18.22
CA GLY C 61 31.34 -1.38 -17.96
C GLY C 61 31.31 -1.10 -16.46
N TRP C 62 30.54 -1.88 -15.70
CA TRP C 62 30.49 -1.77 -14.22
C TRP C 62 31.87 -2.02 -13.62
N LYS C 63 32.64 -2.98 -14.14
CA LYS C 63 34.00 -3.25 -13.58
C LYS C 63 34.92 -2.04 -13.78
N ALA C 64 34.77 -1.30 -14.87
CA ALA C 64 35.58 -0.10 -15.17
C ALA C 64 35.22 0.99 -14.15
N VAL C 65 33.94 1.09 -13.79
CA VAL C 65 33.48 2.04 -12.72
C VAL C 65 34.10 1.65 -11.40
N ALA C 66 34.04 0.36 -11.05
CA ALA C 66 34.61 -0.17 -9.79
C ALA C 66 36.11 0.13 -9.73
N ALA C 67 36.83 -0.04 -10.84
CA ALA C 67 38.30 0.11 -10.91
C ALA C 67 38.68 1.56 -10.61
N LEU C 68 37.94 2.54 -11.15
CA LEU C 68 38.19 3.98 -10.91
C LEU C 68 37.94 4.31 -9.45
N ALA C 69 36.81 3.90 -8.89
CA ALA C 69 36.47 4.17 -7.48
C ALA C 69 37.51 3.50 -6.57
N GLN C 70 37.90 2.26 -6.88
CA GLN C 70 38.89 1.50 -6.07
C GLN C 70 40.23 2.26 -6.05
N GLU C 71 40.71 2.68 -7.20
CA GLU C 71 42.03 3.33 -7.37
C GLU C 71 42.02 4.70 -6.67
N LYS C 72 41.00 5.52 -6.92
CA LYS C 72 40.98 6.94 -6.43
C LYS C 72 40.55 6.99 -4.97
N TYR C 73 39.60 6.15 -4.51
CA TYR C 73 38.90 6.39 -3.22
C TYR C 73 38.90 5.18 -2.30
N GLY C 74 38.89 3.96 -2.82
CA GLY C 74 38.87 2.71 -2.03
C GLY C 74 37.49 2.38 -1.49
N ARG C 75 36.44 3.10 -1.90
CA ARG C 75 35.07 2.85 -1.39
C ARG C 75 34.07 3.48 -2.32
N VAL C 76 32.82 3.04 -2.22
CA VAL C 76 31.64 3.78 -2.75
C VAL C 76 30.68 3.95 -1.57
N ASP C 77 30.33 5.21 -1.25
CA ASP C 77 29.41 5.54 -0.13
C ASP C 77 27.95 5.56 -0.65
N ALA C 78 27.72 5.94 -1.90
CA ALA C 78 26.37 6.10 -2.47
C ALA C 78 26.37 5.64 -3.92
N LEU C 79 25.37 4.84 -4.27
CA LEU C 79 25.17 4.34 -5.64
C LEU C 79 23.74 4.67 -6.05
N VAL C 80 23.61 5.52 -7.05
CA VAL C 80 22.29 5.98 -7.56
C VAL C 80 22.06 5.35 -8.92
N HIS C 81 21.21 4.31 -8.97
CA HIS C 81 20.80 3.64 -10.22
C HIS C 81 19.69 4.47 -10.86
N ASN C 82 20.09 5.42 -11.71
CA ASN C 82 19.17 6.39 -12.35
C ASN C 82 18.96 6.05 -13.84
N ALA C 83 19.89 5.34 -14.48
CA ALA C 83 19.72 4.95 -15.90
C ALA C 83 18.42 4.15 -16.05
N GLY C 84 17.68 4.40 -17.11
CA GLY C 84 16.39 3.76 -17.32
C GLY C 84 15.83 4.08 -18.69
N ILE C 85 14.93 3.22 -19.16
CA ILE C 85 14.21 3.44 -20.45
C ILE C 85 12.71 3.17 -20.24
N SER C 86 11.92 3.68 -21.17
CA SER C 86 10.48 3.44 -21.24
C SER C 86 10.13 2.99 -22.66
N ILE C 87 9.07 2.21 -22.75
CA ILE C 87 8.33 1.97 -24.03
C ILE C 87 6.86 2.12 -23.69
N VAL C 88 6.07 2.39 -24.70
CA VAL C 88 4.60 2.54 -24.59
C VAL C 88 4.06 1.70 -25.72
N THR C 89 3.32 0.65 -25.44
CA THR C 89 2.98 -0.36 -26.47
C THR C 89 1.61 -0.94 -26.17
N LYS C 90 0.96 -1.44 -27.22
CA LYS C 90 -0.24 -2.28 -27.11
C LYS C 90 0.25 -3.66 -26.75
N PHE C 91 -0.23 -4.18 -25.63
CA PHE C 91 0.25 -5.47 -25.06
C PHE C 91 0.23 -6.57 -26.14
N GLU C 92 -0.87 -6.71 -26.87
CA GLU C 92 -0.98 -7.84 -27.82
C GLU C 92 -0.01 -7.67 -29.01
N ASP C 93 0.59 -6.51 -29.20
CA ASP C 93 1.57 -6.25 -30.27
C ASP C 93 3.00 -6.22 -29.69
N THR C 94 3.18 -6.57 -28.42
CA THR C 94 4.49 -6.43 -27.72
C THR C 94 5.11 -7.81 -27.62
N PRO C 95 6.17 -8.11 -28.39
CA PRO C 95 6.90 -9.36 -28.22
C PRO C 95 7.58 -9.44 -26.85
N LEU C 96 7.76 -10.67 -26.39
CA LEU C 96 8.45 -10.96 -25.12
C LEU C 96 9.82 -10.25 -25.10
N SER C 97 10.52 -10.18 -26.23
CA SER C 97 11.85 -9.52 -26.33
C SER C 97 11.78 -8.04 -25.89
N ASP C 98 10.63 -7.36 -26.07
CA ASP C 98 10.44 -5.94 -25.64
C ASP C 98 10.38 -5.88 -24.11
N PHE C 99 9.68 -6.80 -23.46
CA PHE C 99 9.69 -6.90 -21.98
C PHE C 99 11.12 -7.12 -21.51
N HIS C 100 11.83 -8.05 -22.15
CA HIS C 100 13.22 -8.43 -21.77
C HIS C 100 14.16 -7.24 -21.94
N ARG C 101 14.03 -6.47 -23.01
CA ARG C 101 14.92 -5.31 -23.24
C ARG C 101 14.74 -4.26 -22.13
N VAL C 102 13.48 -3.94 -21.79
CA VAL C 102 13.18 -2.97 -20.70
C VAL C 102 13.71 -3.53 -19.38
N ASN C 103 13.54 -4.82 -19.13
CA ASN C 103 14.09 -5.49 -17.91
C ASN C 103 15.60 -5.37 -17.85
N THR C 104 16.28 -5.56 -18.98
CA THR C 104 17.77 -5.56 -19.01
C THR C 104 18.27 -4.18 -18.56
N VAL C 105 17.69 -3.09 -19.07
CA VAL C 105 18.17 -1.74 -18.70
C VAL C 105 17.70 -1.35 -17.29
N ASN C 106 16.44 -1.65 -16.93
CA ASN C 106 15.80 -1.04 -15.74
C ASN C 106 16.08 -1.87 -14.50
N VAL C 107 16.22 -3.20 -14.64
CA VAL C 107 16.37 -4.13 -13.48
C VAL C 107 17.73 -4.80 -13.49
N ASP C 108 18.16 -5.43 -14.60
CA ASP C 108 19.46 -6.15 -14.62
C ASP C 108 20.61 -5.19 -14.31
N SER C 109 20.52 -3.94 -14.74
CA SER C 109 21.48 -2.87 -14.37
C SER C 109 21.72 -2.83 -12.85
N ILE C 110 20.66 -2.88 -12.06
CA ILE C 110 20.74 -2.80 -10.58
C ILE C 110 21.37 -4.09 -10.05
N ILE C 111 20.96 -5.23 -10.60
CA ILE C 111 21.52 -6.52 -10.15
C ILE C 111 23.03 -6.53 -10.44
N ILE C 112 23.42 -6.34 -11.69
CA ILE C 112 24.84 -6.42 -12.12
C ILE C 112 25.67 -5.35 -11.39
N GLY C 113 25.21 -4.11 -11.38
CA GLY C 113 25.95 -2.99 -10.78
C GLY C 113 26.11 -3.16 -9.30
N THR C 114 25.06 -3.56 -8.57
CA THR C 114 25.15 -3.72 -7.11
C THR C 114 26.09 -4.90 -6.80
N GLN C 115 26.03 -5.98 -7.55
CA GLN C 115 26.97 -7.13 -7.36
C GLN C 115 28.43 -6.67 -7.60
N VAL C 116 28.70 -5.99 -8.70
CA VAL C 116 30.09 -5.58 -9.06
C VAL C 116 30.61 -4.60 -8.00
N LEU C 117 29.76 -3.68 -7.52
CA LEU C 117 30.22 -2.64 -6.57
C LEU C 117 30.04 -3.08 -5.12
N LEU C 118 29.63 -4.31 -4.85
CA LEU C 118 29.31 -4.71 -3.46
C LEU C 118 30.55 -4.61 -2.57
N PRO C 119 31.74 -5.11 -2.97
CA PRO C 119 32.95 -4.92 -2.16
C PRO C 119 33.18 -3.45 -1.79
N LEU C 120 33.05 -2.54 -2.74
CA LEU C 120 33.25 -1.08 -2.49
C LEU C 120 32.15 -0.53 -1.59
N LEU C 121 30.91 -1.00 -1.75
CA LEU C 121 29.77 -0.56 -0.88
C LEU C 121 30.00 -1.05 0.54
N LYS C 122 30.53 -2.26 0.71
CA LYS C 122 30.88 -2.77 2.08
C LYS C 122 31.92 -1.84 2.72
N GLU C 123 32.85 -1.31 1.96
CA GLU C 123 33.86 -0.34 2.49
C GLU C 123 33.12 0.95 2.86
N GLY C 124 32.14 1.39 2.05
CA GLY C 124 31.26 2.51 2.43
C GLY C 124 30.55 2.24 3.76
N GLY C 125 30.09 1.01 3.96
CA GLY C 125 29.38 0.62 5.19
C GLY C 125 30.28 0.75 6.40
N LYS C 126 31.60 0.62 6.23
CA LYS C 126 32.58 0.77 7.34
C LYS C 126 32.95 2.24 7.54
N ALA C 127 32.77 3.09 6.53
CA ALA C 127 33.22 4.50 6.55
C ALA C 127 32.22 5.39 7.28
N ARG C 128 30.92 5.07 7.24
CA ARG C 128 29.87 5.92 7.83
C ARG C 128 28.97 5.08 8.72
N ALA C 129 28.65 5.62 9.90
CA ALA C 129 27.81 4.90 10.89
C ALA C 129 26.45 4.62 10.23
N GLY C 130 25.91 5.56 9.46
CA GLY C 130 24.59 5.44 8.82
C GLY C 130 24.59 4.43 7.67
N GLY C 131 25.76 4.09 7.15
CA GLY C 131 25.91 3.04 6.12
C GLY C 131 26.14 3.62 4.73
N ALA C 132 26.52 2.77 3.80
CA ALA C 132 26.47 3.08 2.36
C ALA C 132 25.00 3.17 1.98
N SER C 133 24.68 3.80 0.87
CA SER C 133 23.28 4.07 0.46
C SER C 133 23.14 3.74 -1.03
N VAL C 134 22.24 2.82 -1.35
CA VAL C 134 21.89 2.47 -2.75
C VAL C 134 20.49 3.00 -3.02
N VAL C 135 20.36 3.82 -4.06
CA VAL C 135 19.10 4.49 -4.40
C VAL C 135 18.70 4.00 -5.78
N ASN C 136 17.57 3.32 -5.87
CA ASN C 136 17.07 2.70 -7.12
C ASN C 136 15.91 3.53 -7.64
N PHE C 137 16.00 4.02 -8.86
CA PHE C 137 14.89 4.77 -9.50
C PHE C 137 13.83 3.79 -9.99
N SER C 138 12.70 3.79 -9.28
CA SER C 138 11.43 3.17 -9.70
C SER C 138 10.61 4.28 -10.35
N SER C 139 9.33 4.33 -10.04
CA SER C 139 8.39 5.27 -10.67
C SER C 139 7.10 5.20 -9.89
N VAL C 140 6.22 6.19 -9.99
CA VAL C 140 4.82 5.96 -9.53
C VAL C 140 4.25 4.76 -10.32
N GLY C 141 4.73 4.49 -11.54
CA GLY C 141 4.35 3.31 -12.33
C GLY C 141 4.78 1.98 -11.70
N GLY C 142 5.65 2.00 -10.69
CA GLY C 142 5.95 0.80 -9.88
C GLY C 142 4.96 0.62 -8.74
N LEU C 143 4.10 1.61 -8.48
CA LEU C 143 3.06 1.61 -7.39
C LEU C 143 1.67 1.41 -8.00
N ARG C 144 1.41 2.07 -9.12
CA ARG C 144 0.08 2.11 -9.76
C ARG C 144 0.26 1.72 -11.23
N GLY C 145 -0.62 0.88 -11.73
CA GLY C 145 -0.57 0.44 -13.13
C GLY C 145 -1.11 1.47 -14.10
N ALA C 146 -0.92 1.23 -15.40
CA ALA C 146 -1.44 2.08 -16.46
C ALA C 146 -1.60 1.28 -17.75
N ALA C 147 -2.68 1.56 -18.49
CA ALA C 147 -2.90 0.99 -19.84
C ALA C 147 -1.72 1.44 -20.73
N PHE C 148 -1.19 0.51 -21.51
CA PHE C 148 -0.16 0.70 -22.58
C PHE C 148 1.24 0.85 -21.97
N LEU C 149 1.37 0.67 -20.67
CA LEU C 149 2.69 0.78 -19.99
C LEU C 149 3.05 -0.53 -19.29
N ALA C 150 2.53 -1.67 -19.74
CA ALA C 150 2.79 -2.99 -19.11
C ALA C 150 4.30 -3.24 -18.93
N ALA C 151 5.10 -3.15 -19.98
CA ALA C 151 6.55 -3.49 -19.88
C ALA C 151 7.24 -2.55 -18.90
N TYR C 152 6.98 -1.25 -19.01
CA TYR C 152 7.66 -0.24 -18.16
C TYR C 152 7.24 -0.40 -16.70
N CYS C 153 5.93 -0.40 -16.44
CA CYS C 153 5.42 -0.48 -15.05
C CYS C 153 5.92 -1.79 -14.41
N THR C 154 5.85 -2.89 -15.13
CA THR C 154 6.26 -4.21 -14.61
C THR C 154 7.73 -4.07 -14.17
N SER C 155 8.61 -3.51 -15.01
CA SER C 155 10.04 -3.36 -14.66
C SER C 155 10.18 -2.48 -13.41
N LYS C 156 9.38 -1.43 -13.27
CA LYS C 156 9.53 -0.48 -12.14
C LYS C 156 9.02 -1.11 -10.84
N ALA C 157 8.00 -1.99 -10.91
CA ALA C 157 7.53 -2.74 -9.73
C ALA C 157 8.64 -3.71 -9.32
N ALA C 158 9.32 -4.33 -10.28
CA ALA C 158 10.48 -5.21 -10.00
C ALA C 158 11.59 -4.43 -9.31
N VAL C 159 11.90 -3.21 -9.76
CA VAL C 159 12.93 -2.34 -9.11
C VAL C 159 12.52 -2.10 -7.64
N LYS C 160 11.26 -1.74 -7.41
CA LYS C 160 10.73 -1.44 -6.06
C LYS C 160 10.97 -2.64 -5.15
N MET C 161 10.58 -3.84 -5.59
CA MET C 161 10.63 -5.03 -4.72
C MET C 161 12.08 -5.48 -4.51
N LEU C 162 12.92 -5.39 -5.54
CA LEU C 162 14.36 -5.74 -5.42
C LEU C 162 14.96 -4.86 -4.33
N SER C 163 14.57 -3.58 -4.27
CA SER C 163 15.06 -2.62 -3.26
C SER C 163 14.71 -3.11 -1.84
N LYS C 164 13.46 -3.56 -1.63
CA LYS C 164 13.02 -4.05 -0.31
C LYS C 164 13.85 -5.29 0.08
N CYS C 165 14.04 -6.21 -0.85
CA CYS C 165 14.77 -7.47 -0.57
C CYS C 165 16.24 -7.19 -0.26
N LEU C 166 16.90 -6.35 -1.05
CA LEU C 166 18.33 -6.03 -0.82
C LEU C 166 18.49 -5.25 0.50
N GLY C 167 17.63 -4.30 0.82
CA GLY C 167 17.72 -3.60 2.11
C GLY C 167 17.67 -4.61 3.27
N ALA C 168 16.75 -5.58 3.18
CA ALA C 168 16.56 -6.57 4.26
C ALA C 168 17.79 -7.50 4.31
N GLU C 169 18.25 -7.97 3.16
CA GLU C 169 19.36 -8.94 3.08
C GLU C 169 20.69 -8.32 3.53
N PHE C 170 21.03 -7.12 3.05
CA PHE C 170 22.30 -6.47 3.42
C PHE C 170 22.31 -6.18 4.91
N ALA C 171 21.17 -5.81 5.50
CA ALA C 171 21.05 -5.64 6.97
C ALA C 171 21.27 -6.98 7.67
N ALA C 172 20.62 -8.05 7.23
CA ALA C 172 20.74 -9.39 7.88
C ALA C 172 22.21 -9.88 7.83
N LEU C 173 22.94 -9.57 6.78
CA LEU C 173 24.34 -10.04 6.60
C LEU C 173 25.34 -9.10 7.29
N GLY C 174 24.87 -8.00 7.89
CA GLY C 174 25.70 -7.03 8.66
C GLY C 174 26.57 -6.15 7.78
N TYR C 175 26.18 -5.83 6.55
CA TYR C 175 27.00 -5.05 5.58
C TYR C 175 26.88 -3.54 5.82
N ASN C 176 25.87 -3.09 6.56
CA ASN C 176 25.62 -1.64 6.78
C ASN C 176 25.45 -0.92 5.43
N ILE C 177 24.58 -1.45 4.57
CA ILE C 177 24.22 -0.85 3.26
C ILE C 177 22.70 -0.68 3.23
N ARG C 178 22.24 0.57 3.23
CA ARG C 178 20.82 0.90 3.08
C ARG C 178 20.45 0.85 1.61
N VAL C 179 19.23 0.40 1.30
CA VAL C 179 18.73 0.30 -0.09
C VAL C 179 17.29 0.82 -0.08
N ASN C 180 16.99 1.79 -0.95
CA ASN C 180 15.66 2.41 -1.01
C ASN C 180 15.27 2.62 -2.48
N SER C 181 13.97 2.63 -2.77
CA SER C 181 13.44 2.95 -4.10
C SER C 181 12.90 4.38 -4.10
N VAL C 182 13.08 5.07 -5.22
CA VAL C 182 12.54 6.43 -5.43
C VAL C 182 11.44 6.32 -6.47
N HIS C 183 10.33 7.04 -6.26
CA HIS C 183 9.13 6.95 -7.12
C HIS C 183 8.75 8.36 -7.58
N PRO C 184 9.37 8.84 -8.67
CA PRO C 184 8.95 10.10 -9.29
C PRO C 184 7.55 9.99 -9.92
N GLY C 185 6.80 11.09 -9.82
CA GLY C 185 5.56 11.26 -10.59
C GLY C 185 5.86 11.76 -12.00
N GLY C 186 4.98 12.54 -12.58
CA GLY C 186 5.19 13.08 -13.93
C GLY C 186 6.21 14.20 -13.89
N ILE C 187 7.45 13.93 -14.25
CA ILE C 187 8.54 14.94 -14.24
C ILE C 187 8.74 15.42 -15.69
N ASP C 188 8.84 16.73 -15.88
CA ASP C 188 9.05 17.39 -17.20
C ASP C 188 10.44 17.05 -17.72
N THR C 189 10.58 15.93 -18.42
CA THR C 189 11.85 15.44 -19.00
C THR C 189 11.54 14.94 -20.40
N PRO C 190 12.57 14.70 -21.25
CA PRO C 190 12.31 14.07 -22.57
C PRO C 190 11.64 12.69 -22.45
N MET C 191 11.92 11.91 -21.41
CA MET C 191 11.23 10.61 -21.22
C MET C 191 9.70 10.81 -21.12
N LEU C 192 9.23 11.70 -20.25
CA LEU C 192 7.76 11.95 -20.14
C LEU C 192 7.20 12.46 -21.49
N GLY C 193 7.94 13.35 -22.18
CA GLY C 193 7.55 13.84 -23.51
C GLY C 193 7.37 12.69 -24.49
N SER C 194 8.30 11.74 -24.55
CA SER C 194 8.25 10.54 -25.43
C SER C 194 7.06 9.66 -25.05
N ILE C 195 6.78 9.49 -23.75
CA ILE C 195 5.61 8.68 -23.31
C ILE C 195 4.34 9.35 -23.82
N MET C 196 4.20 10.67 -23.68
CA MET C 196 2.95 11.35 -24.14
C MET C 196 2.83 11.33 -25.67
N ASP C 197 3.92 11.53 -26.40
CA ASP C 197 3.96 11.45 -27.90
C ASP C 197 3.56 10.05 -28.35
N LYS C 198 4.13 9.01 -27.76
CA LYS C 198 3.84 7.58 -28.11
C LYS C 198 2.40 7.26 -27.74
N ALA C 199 1.83 7.82 -26.66
CA ALA C 199 0.42 7.63 -26.30
C ALA C 199 -0.50 8.18 -27.41
N VAL C 200 -0.12 9.31 -28.02
CA VAL C 200 -0.88 9.92 -29.15
C VAL C 200 -0.77 8.99 -30.37
N GLU C 201 0.45 8.56 -30.72
CA GLU C 201 0.77 7.64 -31.85
C GLU C 201 -0.06 6.37 -31.75
N LEU C 202 -0.26 5.81 -30.55
CA LEU C 202 -1.09 4.60 -30.29
C LEU C 202 -2.58 4.95 -30.37
N GLY C 203 -2.93 6.24 -30.39
CA GLY C 203 -4.33 6.70 -30.25
C GLY C 203 -4.90 6.48 -28.86
N ALA C 204 -4.08 6.45 -27.81
CA ALA C 204 -4.55 6.42 -26.41
C ALA C 204 -5.02 7.82 -25.97
N ALA C 205 -4.48 8.87 -26.60
CA ALA C 205 -4.84 10.28 -26.33
C ALA C 205 -5.14 11.01 -27.64
N PRO C 206 -6.22 11.82 -27.70
CA PRO C 206 -6.55 12.63 -28.86
C PRO C 206 -5.41 13.50 -29.42
N SER C 207 -4.63 14.10 -28.54
CA SER C 207 -3.50 15.01 -28.88
C SER C 207 -2.55 15.10 -27.70
N ARG C 208 -1.35 15.62 -27.94
CA ARG C 208 -0.30 15.82 -26.92
C ARG C 208 -0.83 16.78 -25.84
N GLU C 209 -1.63 17.78 -26.23
CA GLU C 209 -2.16 18.82 -25.31
C GLU C 209 -3.15 18.20 -24.33
N VAL C 210 -4.04 17.34 -24.82
CA VAL C 210 -5.05 16.67 -23.97
C VAL C 210 -4.35 15.68 -23.02
N ALA C 211 -3.34 14.95 -23.53
CA ALA C 211 -2.55 13.97 -22.73
C ALA C 211 -1.90 14.73 -21.57
N GLN C 212 -1.24 15.86 -21.87
CA GLN C 212 -0.48 16.65 -20.88
C GLN C 212 -1.44 17.19 -19.81
N ALA C 213 -2.59 17.75 -20.21
CA ALA C 213 -3.56 18.34 -19.27
C ALA C 213 -4.10 17.26 -18.33
N ALA C 214 -4.45 16.08 -18.87
CA ALA C 214 -5.01 14.96 -18.08
C ALA C 214 -3.97 14.53 -17.02
N MET C 215 -2.73 14.37 -17.47
CA MET C 215 -1.60 13.97 -16.59
C MET C 215 -1.41 15.03 -15.48
N GLU C 216 -1.44 16.32 -15.80
CA GLU C 216 -1.29 17.40 -14.79
C GLU C 216 -2.43 17.34 -13.77
N MET C 217 -3.67 17.17 -14.24
CA MET C 217 -4.85 17.20 -13.35
C MET C 217 -4.86 15.97 -12.42
N ARG C 218 -4.19 14.88 -12.81
CA ARG C 218 -4.14 13.65 -11.99
C ARG C 218 -3.22 13.90 -10.78
N HIS C 219 -2.28 14.83 -10.87
CA HIS C 219 -1.40 15.19 -9.72
C HIS C 219 -2.16 16.19 -8.85
N PRO C 220 -2.44 15.88 -7.55
CA PRO C 220 -3.10 16.85 -6.67
C PRO C 220 -2.41 18.23 -6.66
N ILE C 221 -1.09 18.27 -6.73
CA ILE C 221 -0.35 19.55 -6.73
C ILE C 221 -0.66 20.34 -8.01
N GLY C 222 -1.14 19.71 -9.08
CA GLY C 222 -1.76 20.37 -10.25
C GLY C 222 -0.79 20.69 -11.36
N ARG C 223 0.40 20.12 -11.37
CA ARG C 223 1.43 20.36 -12.40
C ARG C 223 2.39 19.20 -12.46
N MET C 224 3.14 19.11 -13.55
CA MET C 224 4.34 18.24 -13.68
C MET C 224 5.39 18.71 -12.69
N GLY C 225 6.25 17.79 -12.27
CA GLY C 225 7.46 18.15 -11.51
C GLY C 225 8.57 18.66 -12.40
N ARG C 226 9.51 19.41 -11.84
CA ARG C 226 10.76 19.79 -12.53
C ARG C 226 11.84 18.79 -12.11
N PRO C 227 12.78 18.44 -12.99
CA PRO C 227 13.85 17.52 -12.65
C PRO C 227 14.62 17.93 -11.39
N ALA C 228 14.83 19.22 -11.14
CA ALA C 228 15.54 19.70 -9.94
C ALA C 228 14.76 19.32 -8.65
N GLU C 229 13.46 19.03 -8.75
CA GLU C 229 12.64 18.67 -7.54
C GLU C 229 12.95 17.24 -7.09
N MET C 230 13.75 16.49 -7.85
CA MET C 230 14.16 15.11 -7.44
C MET C 230 15.45 15.15 -6.61
N GLY C 231 16.26 16.20 -6.73
CA GLY C 231 17.61 16.24 -6.14
C GLY C 231 17.67 16.15 -4.62
N GLY C 232 16.86 16.96 -3.92
CA GLY C 232 16.85 16.99 -2.46
C GLY C 232 16.59 15.61 -1.87
N GLY C 233 15.63 14.90 -2.42
CA GLY C 233 15.23 13.58 -1.88
C GLY C 233 16.37 12.59 -1.99
N VAL C 234 17.08 12.62 -3.11
CA VAL C 234 18.22 11.70 -3.34
C VAL C 234 19.36 12.09 -2.41
N VAL C 235 19.63 13.38 -2.23
CA VAL C 235 20.67 13.84 -1.26
C VAL C 235 20.30 13.31 0.13
N TYR C 236 19.06 13.51 0.56
CA TYR C 236 18.60 13.02 1.89
C TYR C 236 18.90 11.51 2.00
N LEU C 237 18.45 10.70 1.05
CA LEU C 237 18.61 9.23 1.15
C LEU C 237 20.08 8.83 1.20
N CYS C 238 20.95 9.53 0.47
CA CYS C 238 22.40 9.21 0.44
C CYS C 238 23.09 9.67 1.73
N SER C 239 22.45 10.54 2.53
CA SER C 239 23.08 11.18 3.72
C SER C 239 22.93 10.30 4.96
N ASP C 240 23.77 10.56 5.96
CA ASP C 240 23.66 9.96 7.31
C ASP C 240 22.37 10.41 8.00
N ALA C 241 21.74 11.50 7.59
CA ALA C 241 20.44 11.89 8.16
C ALA C 241 19.40 10.80 7.91
N ALA C 242 19.57 9.94 6.89
CA ALA C 242 18.63 8.87 6.52
C ALA C 242 19.10 7.53 7.10
N SER C 243 19.84 7.51 8.20
CA SER C 243 20.42 6.29 8.80
C SER C 243 19.33 5.27 9.20
N PHE C 244 18.09 5.68 9.47
CA PHE C 244 17.02 4.72 9.83
C PHE C 244 16.07 4.47 8.65
N VAL C 245 16.49 4.82 7.44
CA VAL C 245 15.67 4.67 6.22
C VAL C 245 16.30 3.59 5.33
N THR C 246 15.66 2.43 5.29
CA THR C 246 16.02 1.32 4.37
C THR C 246 14.72 0.58 3.99
N CYS C 247 14.77 -0.08 2.83
CA CYS C 247 13.65 -0.81 2.18
C CYS C 247 12.48 0.11 1.84
N THR C 248 12.63 1.42 1.86
CA THR C 248 11.48 2.32 1.85
C THR C 248 11.12 2.73 0.41
N GLU C 249 9.84 3.03 0.19
CA GLU C 249 9.33 3.71 -1.05
C GLU C 249 9.37 5.21 -0.81
N PHE C 250 10.33 5.90 -1.43
CA PHE C 250 10.55 7.34 -1.24
C PHE C 250 9.82 8.01 -2.41
N VAL C 251 8.66 8.62 -2.15
CA VAL C 251 7.76 9.08 -3.23
C VAL C 251 7.95 10.61 -3.40
N MET C 252 8.20 11.03 -4.64
CA MET C 252 8.25 12.47 -5.02
C MET C 252 7.33 12.66 -6.24
N ASP C 253 6.01 12.70 -5.99
CA ASP C 253 5.00 12.52 -7.06
C ASP C 253 3.88 13.55 -7.00
N GLY C 254 4.03 14.63 -6.25
CA GLY C 254 2.99 15.68 -6.22
C GLY C 254 1.64 15.16 -5.76
N GLY C 255 1.65 14.03 -5.03
CA GLY C 255 0.46 13.37 -4.48
C GLY C 255 -0.20 12.36 -5.39
N PHE C 256 0.35 12.12 -6.60
CA PHE C 256 -0.28 11.28 -7.64
C PHE C 256 -0.81 9.97 -7.07
N SER C 257 0.03 9.23 -6.34
CA SER C 257 -0.26 7.84 -5.91
C SER C 257 -1.27 7.80 -4.75
N GLN C 258 -1.52 8.93 -4.09
CA GLN C 258 -2.24 8.96 -2.77
C GLN C 258 -3.69 9.42 -2.95
N VAL C 259 -4.10 9.75 -4.17
CA VAL C 259 -5.51 10.01 -4.57
C VAL C 259 -5.93 9.05 -5.73
N THR D 2 -25.61 -15.07 -6.65
CA THR D 2 -24.93 -16.34 -6.26
C THR D 2 -23.48 -16.35 -6.83
N ILE D 3 -22.57 -17.04 -6.15
CA ILE D 3 -21.19 -17.26 -6.63
C ILE D 3 -21.14 -18.66 -7.25
N ALA D 4 -21.06 -18.76 -8.57
CA ALA D 4 -20.95 -20.05 -9.29
C ALA D 4 -20.28 -19.83 -10.64
N LEU D 5 -19.89 -20.94 -11.26
CA LEU D 5 -19.14 -20.92 -12.52
C LEU D 5 -19.89 -21.75 -13.58
N ASN D 6 -21.22 -21.64 -13.63
CA ASN D 6 -22.03 -22.33 -14.67
C ASN D 6 -21.56 -21.87 -16.04
N ASN D 7 -21.21 -22.82 -16.92
CA ASN D 7 -20.84 -22.58 -18.34
C ASN D 7 -19.53 -21.81 -18.44
N VAL D 8 -18.70 -21.83 -17.39
CA VAL D 8 -17.37 -21.20 -17.41
C VAL D 8 -16.35 -22.24 -17.87
N VAL D 9 -15.71 -21.98 -19.01
CA VAL D 9 -14.56 -22.77 -19.51
C VAL D 9 -13.28 -22.17 -18.92
N ALA D 10 -12.62 -22.93 -18.06
CA ALA D 10 -11.46 -22.46 -17.28
C ALA D 10 -10.21 -23.24 -17.70
N VAL D 11 -9.10 -22.54 -17.88
CA VAL D 11 -7.75 -23.14 -18.05
C VAL D 11 -7.01 -22.90 -16.74
N VAL D 12 -6.48 -23.94 -16.11
CA VAL D 12 -5.68 -23.83 -14.88
C VAL D 12 -4.31 -24.46 -15.12
N THR D 13 -3.24 -23.66 -15.06
CA THR D 13 -1.83 -24.15 -15.18
C THR D 13 -1.29 -24.58 -13.82
N GLY D 14 -0.21 -25.38 -13.82
CA GLY D 14 0.36 -25.95 -12.60
C GLY D 14 -0.66 -26.82 -11.88
N ALA D 15 -1.59 -27.43 -12.62
CA ALA D 15 -2.82 -28.04 -12.07
C ALA D 15 -2.51 -29.30 -11.24
N ALA D 16 -1.34 -29.91 -11.40
CA ALA D 16 -0.96 -31.13 -10.66
C ALA D 16 -0.28 -30.80 -9.32
N GLY D 17 0.02 -29.52 -9.04
CA GLY D 17 0.67 -29.12 -7.78
C GLY D 17 -0.31 -29.04 -6.61
N GLY D 18 0.21 -28.65 -5.44
CA GLY D 18 -0.56 -28.57 -4.18
C GLY D 18 -1.75 -27.65 -4.30
N ILE D 19 -1.53 -26.41 -4.71
CA ILE D 19 -2.65 -25.44 -4.84
C ILE D 19 -3.49 -25.81 -6.08
N GLY D 20 -2.84 -26.10 -7.20
CA GLY D 20 -3.48 -26.41 -8.49
C GLY D 20 -4.58 -27.46 -8.34
N ARG D 21 -4.31 -28.56 -7.65
CA ARG D 21 -5.31 -29.65 -7.49
C ARG D 21 -6.53 -29.13 -6.75
N GLU D 22 -6.32 -28.32 -5.73
CA GLU D 22 -7.41 -27.75 -4.93
C GLU D 22 -8.20 -26.74 -5.78
N LEU D 23 -7.52 -25.94 -6.62
CA LEU D 23 -8.24 -24.99 -7.52
C LEU D 23 -9.16 -25.78 -8.46
N VAL D 24 -8.67 -26.85 -9.07
CA VAL D 24 -9.48 -27.62 -10.04
C VAL D 24 -10.72 -28.20 -9.33
N LYS D 25 -10.56 -28.77 -8.15
CA LYS D 25 -11.69 -29.34 -7.36
C LYS D 25 -12.70 -28.24 -7.03
N ALA D 26 -12.24 -27.08 -6.57
CA ALA D 26 -13.13 -25.97 -6.16
C ALA D 26 -13.89 -25.47 -7.39
N MET D 27 -13.23 -25.34 -8.52
CA MET D 27 -13.86 -24.78 -9.73
C MET D 27 -14.89 -25.78 -10.27
N LYS D 28 -14.56 -27.07 -10.23
CA LYS D 28 -15.51 -28.12 -10.68
C LYS D 28 -16.72 -28.13 -9.75
N ALA D 29 -16.52 -28.00 -8.44
CA ALA D 29 -17.60 -27.98 -7.44
C ALA D 29 -18.53 -26.80 -7.72
N ALA D 30 -18.05 -25.71 -8.34
CA ALA D 30 -18.87 -24.53 -8.73
C ALA D 30 -19.37 -24.68 -10.18
N ASN D 31 -19.19 -25.85 -10.80
CA ASN D 31 -19.76 -26.26 -12.12
C ASN D 31 -18.93 -25.76 -13.29
N ALA D 32 -17.67 -25.35 -13.10
CA ALA D 32 -16.82 -24.96 -14.24
C ALA D 32 -16.50 -26.19 -15.10
N ILE D 33 -16.26 -25.94 -16.37
CA ILE D 33 -15.55 -26.87 -17.28
C ILE D 33 -14.05 -26.58 -17.16
N VAL D 34 -13.23 -27.54 -16.74
CA VAL D 34 -11.82 -27.25 -16.41
C VAL D 34 -10.87 -27.98 -17.36
N ILE D 35 -10.05 -27.21 -18.09
CA ILE D 35 -8.84 -27.68 -18.81
C ILE D 35 -7.64 -27.50 -17.87
N ALA D 36 -7.10 -28.61 -17.36
CA ALA D 36 -5.97 -28.67 -16.42
C ALA D 36 -4.69 -28.92 -17.21
N THR D 37 -3.61 -28.20 -16.88
CA THR D 37 -2.31 -28.38 -17.57
C THR D 37 -1.19 -28.39 -16.53
N ASP D 38 -0.16 -29.20 -16.81
CA ASP D 38 1.07 -29.28 -15.99
C ASP D 38 2.15 -29.96 -16.83
N MET D 39 3.37 -30.04 -16.29
CA MET D 39 4.57 -30.57 -16.96
C MET D 39 4.45 -32.09 -17.20
N ALA D 40 3.78 -32.83 -16.33
CA ALA D 40 3.65 -34.31 -16.40
C ALA D 40 2.89 -34.73 -17.66
N PRO D 41 3.28 -35.82 -18.35
CA PRO D 41 2.68 -36.15 -19.64
C PRO D 41 1.22 -36.63 -19.53
N SER D 42 0.87 -37.19 -18.37
CA SER D 42 -0.52 -37.49 -17.97
C SER D 42 -0.64 -37.32 -16.45
N ALA D 43 -1.86 -37.17 -15.96
CA ALA D 43 -2.13 -36.94 -14.53
C ALA D 43 -3.62 -37.19 -14.28
N ASP D 44 -3.92 -37.68 -13.08
CA ASP D 44 -5.32 -37.84 -12.62
C ASP D 44 -5.59 -36.63 -11.75
N VAL D 45 -6.07 -35.56 -12.35
CA VAL D 45 -6.45 -34.32 -11.62
C VAL D 45 -7.97 -34.40 -11.40
N GLU D 46 -8.38 -34.62 -10.17
CA GLU D 46 -9.80 -34.80 -9.80
C GLU D 46 -10.55 -33.52 -10.19
N GLY D 47 -11.60 -33.65 -10.98
CA GLY D 47 -12.48 -32.55 -11.42
C GLY D 47 -12.07 -31.95 -12.76
N ALA D 48 -10.96 -32.37 -13.37
CA ALA D 48 -10.54 -31.89 -14.70
C ALA D 48 -11.39 -32.57 -15.77
N ASP D 49 -11.96 -31.80 -16.69
CA ASP D 49 -12.61 -32.32 -17.93
C ASP D 49 -11.55 -32.77 -18.92
N HIS D 50 -10.40 -32.09 -18.96
CA HIS D 50 -9.29 -32.35 -19.90
C HIS D 50 -7.97 -32.12 -19.16
N TYR D 51 -6.96 -32.93 -19.46
CA TYR D 51 -5.58 -32.70 -19.00
C TYR D 51 -4.69 -32.60 -20.23
N LEU D 52 -3.81 -31.59 -20.26
CA LEU D 52 -2.77 -31.45 -21.30
C LEU D 52 -1.41 -31.30 -20.62
N GLN D 53 -0.42 -32.01 -21.16
CA GLN D 53 1.00 -31.74 -20.84
C GLN D 53 1.31 -30.35 -21.39
N HIS D 54 1.93 -29.48 -20.60
CA HIS D 54 2.09 -28.06 -20.97
C HIS D 54 3.23 -27.43 -20.16
N ASP D 55 4.23 -26.97 -20.89
CA ASP D 55 5.33 -26.13 -20.37
C ASP D 55 4.89 -24.68 -20.57
N VAL D 56 4.66 -23.96 -19.48
CA VAL D 56 4.07 -22.58 -19.56
C VAL D 56 5.11 -21.61 -20.16
N THR D 57 6.37 -22.01 -20.33
CA THR D 57 7.39 -21.13 -20.97
C THR D 57 7.37 -21.31 -22.49
N SER D 58 6.55 -22.22 -23.01
CA SER D 58 6.53 -22.61 -24.44
C SER D 58 5.31 -22.03 -25.15
N GLU D 59 5.52 -21.16 -26.13
CA GLU D 59 4.44 -20.64 -27.00
C GLU D 59 3.73 -21.80 -27.69
N ALA D 60 4.47 -22.80 -28.21
CA ALA D 60 3.86 -23.98 -28.87
C ALA D 60 2.93 -24.72 -27.89
N GLY D 61 3.33 -24.88 -26.63
CA GLY D 61 2.51 -25.48 -25.56
C GLY D 61 1.22 -24.74 -25.38
N TRP D 62 1.30 -23.42 -25.23
CA TRP D 62 0.10 -22.53 -25.13
C TRP D 62 -0.79 -22.67 -26.38
N LYS D 63 -0.22 -22.76 -27.58
CA LYS D 63 -1.05 -22.90 -28.81
C LYS D 63 -1.83 -24.22 -28.80
N ALA D 64 -1.27 -25.28 -28.22
CA ALA D 64 -1.96 -26.59 -28.11
C ALA D 64 -3.14 -26.45 -27.15
N VAL D 65 -2.99 -25.67 -26.07
CA VAL D 65 -4.10 -25.39 -25.11
C VAL D 65 -5.19 -24.60 -25.86
N ALA D 66 -4.81 -23.59 -26.62
CA ALA D 66 -5.76 -22.75 -27.39
C ALA D 66 -6.54 -23.63 -28.39
N ALA D 67 -5.84 -24.55 -29.05
CA ALA D 67 -6.42 -25.42 -30.11
C ALA D 67 -7.51 -26.31 -29.50
N LEU D 68 -7.28 -26.88 -28.32
CA LEU D 68 -8.25 -27.73 -27.61
C LEU D 68 -9.47 -26.90 -27.21
N ALA D 69 -9.27 -25.74 -26.57
CA ALA D 69 -10.39 -24.86 -26.14
C ALA D 69 -11.18 -24.41 -27.37
N GLN D 70 -10.50 -24.04 -28.46
CA GLN D 70 -11.16 -23.55 -29.69
C GLN D 70 -12.06 -24.67 -30.26
N GLU D 71 -11.54 -25.88 -30.36
CA GLU D 71 -12.26 -27.02 -30.99
C GLU D 71 -13.45 -27.43 -30.11
N LYS D 72 -13.24 -27.61 -28.81
CA LYS D 72 -14.27 -28.14 -27.88
C LYS D 72 -15.27 -27.06 -27.49
N TYR D 73 -14.89 -25.78 -27.32
CA TYR D 73 -15.74 -24.79 -26.62
C TYR D 73 -15.89 -23.47 -27.38
N GLY D 74 -14.88 -23.03 -28.14
CA GLY D 74 -14.88 -21.77 -28.90
C GLY D 74 -14.63 -20.54 -28.02
N ARG D 75 -14.29 -20.71 -26.75
CA ARG D 75 -14.00 -19.57 -25.85
C ARG D 75 -13.16 -20.06 -24.68
N VAL D 76 -12.57 -19.10 -23.97
CA VAL D 76 -12.07 -19.33 -22.59
C VAL D 76 -12.68 -18.23 -21.71
N ASP D 77 -13.39 -18.61 -20.64
CA ASP D 77 -14.05 -17.67 -19.70
C ASP D 77 -13.10 -17.32 -18.55
N ALA D 78 -12.21 -18.23 -18.16
CA ALA D 78 -11.31 -18.02 -16.99
C ALA D 78 -9.94 -18.64 -17.29
N LEU D 79 -8.90 -17.89 -16.98
CA LEU D 79 -7.50 -18.35 -17.15
C LEU D 79 -6.79 -18.12 -15.83
N VAL D 80 -6.35 -19.22 -15.21
CA VAL D 80 -5.67 -19.18 -13.90
C VAL D 80 -4.20 -19.54 -14.10
N HIS D 81 -3.34 -18.53 -14.06
CA HIS D 81 -1.86 -18.67 -14.16
C HIS D 81 -1.29 -19.05 -12.79
N ASN D 82 -1.24 -20.35 -12.52
CA ASN D 82 -0.89 -20.90 -11.20
C ASN D 82 0.53 -21.53 -11.22
N ALA D 83 1.02 -21.94 -12.38
CA ALA D 83 2.40 -22.48 -12.50
C ALA D 83 3.39 -21.42 -12.00
N GLY D 84 4.41 -21.85 -11.25
CA GLY D 84 5.35 -20.95 -10.58
C GLY D 84 6.49 -21.72 -9.96
N ILE D 85 7.66 -21.10 -9.82
CA ILE D 85 8.83 -21.69 -9.12
C ILE D 85 9.40 -20.69 -8.13
N SER D 86 10.22 -21.19 -7.20
CA SER D 86 10.96 -20.36 -6.21
C SER D 86 12.43 -20.81 -6.16
N ILE D 87 13.30 -19.90 -5.77
CA ILE D 87 14.70 -20.17 -5.35
C ILE D 87 14.92 -19.35 -4.08
N VAL D 88 15.91 -19.75 -3.30
CA VAL D 88 16.29 -19.04 -2.05
C VAL D 88 17.81 -18.94 -2.16
N THR D 89 18.36 -17.75 -2.18
CA THR D 89 19.78 -17.55 -2.53
C THR D 89 20.34 -16.34 -1.80
N LYS D 90 21.66 -16.28 -1.62
CA LYS D 90 22.35 -15.03 -1.25
C LYS D 90 22.50 -14.22 -2.53
N PHE D 91 22.01 -12.99 -2.52
CA PHE D 91 22.03 -12.08 -3.69
C PHE D 91 23.41 -12.06 -4.34
N GLU D 92 24.47 -11.88 -3.54
CA GLU D 92 25.82 -11.70 -4.11
C GLU D 92 26.32 -12.98 -4.79
N ASP D 93 25.71 -14.13 -4.52
CA ASP D 93 26.11 -15.44 -5.12
C ASP D 93 25.11 -15.84 -6.21
N THR D 94 24.17 -14.97 -6.59
CA THR D 94 23.08 -15.33 -7.52
C THR D 94 23.44 -14.84 -8.91
N PRO D 95 23.77 -15.73 -9.87
CA PRO D 95 23.95 -15.29 -11.25
C PRO D 95 22.66 -14.70 -11.85
N LEU D 96 22.83 -13.74 -12.76
CA LEU D 96 21.73 -13.10 -13.50
C LEU D 96 20.84 -14.19 -14.11
N SER D 97 21.42 -15.28 -14.62
CA SER D 97 20.65 -16.38 -15.26
C SER D 97 19.62 -16.98 -14.28
N ASP D 98 19.86 -16.96 -12.98
CA ASP D 98 18.93 -17.48 -11.94
C ASP D 98 17.72 -16.54 -11.83
N PHE D 99 17.96 -15.21 -11.84
CA PHE D 99 16.85 -14.21 -11.88
C PHE D 99 16.02 -14.46 -13.15
N HIS D 100 16.68 -14.65 -14.29
CA HIS D 100 16.04 -14.84 -15.61
C HIS D 100 15.22 -16.12 -15.61
N ARG D 101 15.72 -17.21 -15.03
CA ARG D 101 14.97 -18.49 -15.00
C ARG D 101 13.66 -18.31 -14.22
N VAL D 102 13.73 -17.68 -13.05
CA VAL D 102 12.53 -17.45 -12.21
C VAL D 102 11.57 -16.52 -12.98
N ASN D 103 12.08 -15.49 -13.66
CA ASN D 103 11.25 -14.58 -14.48
CA ASN D 103 11.23 -14.59 -14.47
C ASN D 103 10.55 -15.35 -15.61
N THR D 104 11.26 -16.28 -16.25
CA THR D 104 10.70 -17.02 -17.41
C THR D 104 9.48 -17.82 -16.97
N VAL D 105 9.55 -18.52 -15.86
CA VAL D 105 8.41 -19.36 -15.41
C VAL D 105 7.32 -18.51 -14.78
N ASN D 106 7.68 -17.49 -13.97
CA ASN D 106 6.71 -16.80 -13.08
C ASN D 106 6.02 -15.67 -13.84
N VAL D 107 6.71 -15.03 -14.78
CA VAL D 107 6.22 -13.81 -15.47
C VAL D 107 6.00 -14.05 -16.96
N ASP D 108 7.01 -14.57 -17.67
CA ASP D 108 6.90 -14.76 -19.14
C ASP D 108 5.73 -15.71 -19.47
N SER D 109 5.48 -16.69 -18.60
CA SER D 109 4.31 -17.61 -18.72
C SER D 109 3.00 -16.82 -18.87
N ILE D 110 2.82 -15.79 -18.06
CA ILE D 110 1.58 -14.96 -18.07
C ILE D 110 1.56 -14.16 -19.37
N ILE D 111 2.68 -13.59 -19.76
CA ILE D 111 2.72 -12.77 -21.01
C ILE D 111 2.37 -13.68 -22.18
N ILE D 112 3.13 -14.78 -22.36
CA ILE D 112 2.94 -15.69 -23.53
C ILE D 112 1.52 -16.26 -23.53
N GLY D 113 1.09 -16.80 -22.39
CA GLY D 113 -0.22 -17.46 -22.30
C GLY D 113 -1.37 -16.52 -22.54
N THR D 114 -1.32 -15.33 -21.94
CA THR D 114 -2.42 -14.35 -22.12
C THR D 114 -2.43 -13.88 -23.59
N GLN D 115 -1.29 -13.68 -24.24
CA GLN D 115 -1.24 -13.29 -25.67
C GLN D 115 -1.86 -14.40 -26.53
N VAL D 116 -1.42 -15.64 -26.33
CA VAL D 116 -1.89 -16.78 -27.17
C VAL D 116 -3.41 -16.97 -26.97
N LEU D 117 -3.91 -16.83 -25.74
CA LEU D 117 -5.35 -17.09 -25.44
C LEU D 117 -6.19 -15.82 -25.57
N LEU D 118 -5.63 -14.70 -25.99
CA LEU D 118 -6.39 -13.42 -26.01
C LEU D 118 -7.63 -13.54 -26.92
N PRO D 119 -7.53 -14.06 -28.17
CA PRO D 119 -8.73 -14.25 -28.98
C PRO D 119 -9.82 -15.07 -28.27
N LEU D 120 -9.47 -16.16 -27.61
CA LEU D 120 -10.46 -16.97 -26.87
C LEU D 120 -11.01 -16.23 -25.65
N LEU D 121 -10.17 -15.44 -24.97
CA LEU D 121 -10.65 -14.64 -23.81
C LEU D 121 -11.61 -13.55 -24.30
N LYS D 122 -11.37 -12.96 -25.46
CA LYS D 122 -12.30 -11.95 -26.04
C LYS D 122 -13.66 -12.62 -26.28
N GLU D 123 -13.68 -13.88 -26.71
CA GLU D 123 -14.96 -14.63 -26.86
C GLU D 123 -15.60 -14.82 -25.48
N GLY D 124 -14.80 -15.11 -24.46
CA GLY D 124 -15.31 -15.13 -23.08
C GLY D 124 -15.92 -13.80 -22.68
N GLY D 125 -15.30 -12.69 -23.08
CA GLY D 125 -15.77 -11.33 -22.76
C GLY D 125 -17.14 -11.08 -23.39
N LYS D 126 -17.44 -11.75 -24.50
CA LYS D 126 -18.77 -11.61 -25.19
C LYS D 126 -19.78 -12.55 -24.55
N ALA D 127 -19.35 -13.62 -23.88
CA ALA D 127 -20.23 -14.68 -23.34
C ALA D 127 -20.82 -14.26 -22.00
N ARG D 128 -20.12 -13.47 -21.19
CA ARG D 128 -20.60 -13.11 -19.83
C ARG D 128 -20.54 -11.60 -19.67
N ALA D 129 -21.58 -11.00 -19.13
CA ALA D 129 -21.65 -9.56 -18.86
C ALA D 129 -20.48 -9.19 -17.92
N GLY D 130 -20.16 -10.02 -16.94
CA GLY D 130 -19.08 -9.73 -15.97
C GLY D 130 -17.68 -9.80 -16.59
N GLY D 131 -17.57 -10.45 -17.75
CA GLY D 131 -16.31 -10.54 -18.52
C GLY D 131 -15.62 -11.87 -18.35
N ALA D 132 -14.61 -12.12 -19.18
CA ALA D 132 -13.63 -13.19 -18.93
C ALA D 132 -12.79 -12.76 -17.73
N SER D 133 -12.14 -13.70 -17.07
CA SER D 133 -11.41 -13.45 -15.81
C SER D 133 -10.02 -14.11 -15.90
N VAL D 134 -8.97 -13.31 -15.77
CA VAL D 134 -7.57 -13.80 -15.72
C VAL D 134 -7.06 -13.64 -14.30
N VAL D 135 -6.62 -14.72 -13.69
CA VAL D 135 -6.19 -14.77 -12.28
C VAL D 135 -4.71 -15.13 -12.27
N ASN D 136 -3.88 -14.20 -11.78
CA ASN D 136 -2.41 -14.36 -11.80
C ASN D 136 -1.95 -14.65 -10.39
N PHE D 137 -1.24 -15.77 -10.16
CA PHE D 137 -0.70 -16.06 -8.82
C PHE D 137 0.58 -15.26 -8.57
N SER D 138 0.46 -14.25 -7.71
CA SER D 138 1.59 -13.51 -7.11
C SER D 138 1.89 -14.19 -5.78
N SER D 139 2.10 -13.41 -4.73
CA SER D 139 2.52 -13.92 -3.40
C SER D 139 2.44 -12.75 -2.43
N VAL D 140 2.37 -12.99 -1.13
CA VAL D 140 2.67 -11.91 -0.16
C VAL D 140 4.10 -11.39 -0.43
N GLY D 141 4.99 -12.21 -1.00
CA GLY D 141 6.34 -11.79 -1.43
C GLY D 141 6.31 -10.79 -2.59
N GLY D 142 5.17 -10.57 -3.24
CA GLY D 142 4.99 -9.50 -4.24
C GLY D 142 4.57 -8.20 -3.58
N LEU D 143 4.21 -8.23 -2.28
CA LEU D 143 3.78 -7.06 -1.47
C LEU D 143 4.89 -6.64 -0.52
N ARG D 144 5.56 -7.61 0.09
CA ARG D 144 6.55 -7.37 1.17
C ARG D 144 7.83 -8.12 0.78
N GLY D 145 8.98 -7.47 0.93
CA GLY D 145 10.25 -8.13 0.61
C GLY D 145 10.69 -9.07 1.72
N ALA D 146 11.71 -9.86 1.44
CA ALA D 146 12.34 -10.77 2.41
C ALA D 146 13.80 -10.98 2.03
N ALA D 147 14.66 -11.03 3.05
CA ALA D 147 16.07 -11.47 2.91
C ALA D 147 16.10 -12.85 2.23
N PHE D 148 16.98 -13.03 1.24
CA PHE D 148 17.33 -14.31 0.57
C PHE D 148 16.26 -14.73 -0.44
N LEU D 149 15.26 -13.88 -0.67
CA LEU D 149 14.18 -14.19 -1.63
C LEU D 149 14.11 -13.12 -2.74
N ALA D 150 15.22 -12.45 -3.05
CA ALA D 150 15.27 -11.37 -4.06
C ALA D 150 14.68 -11.84 -5.40
N ALA D 151 15.15 -12.95 -5.97
CA ALA D 151 14.69 -13.37 -7.32
C ALA D 151 13.19 -13.68 -7.27
N TYR D 152 12.76 -14.40 -6.26
CA TYR D 152 11.34 -14.84 -6.14
C TYR D 152 10.43 -13.63 -5.93
N CYS D 153 10.73 -12.81 -4.93
CA CYS D 153 9.88 -11.64 -4.59
C CYS D 153 9.82 -10.69 -5.80
N THR D 154 10.96 -10.43 -6.43
CA THR D 154 11.02 -9.52 -7.61
C THR D 154 10.06 -10.05 -8.66
N SER D 155 10.10 -11.35 -8.98
CA SER D 155 9.21 -11.94 -10.02
C SER D 155 7.74 -11.76 -9.58
N LYS D 156 7.42 -11.92 -8.29
CA LYS D 156 6.02 -11.88 -7.82
C LYS D 156 5.49 -10.44 -7.80
N ALA D 157 6.36 -9.44 -7.55
CA ALA D 157 5.99 -8.01 -7.66
C ALA D 157 5.71 -7.72 -9.14
N ALA D 158 6.51 -8.27 -10.06
CA ALA D 158 6.28 -8.10 -11.51
C ALA D 158 4.93 -8.70 -11.90
N VAL D 159 4.57 -9.88 -11.39
CA VAL D 159 3.25 -10.50 -11.66
C VAL D 159 2.13 -9.54 -11.21
N LYS D 160 2.24 -9.01 -10.00
CA LYS D 160 1.25 -8.09 -9.38
C LYS D 160 1.02 -6.90 -10.32
N MET D 161 2.10 -6.27 -10.76
CA MET D 161 1.97 -5.01 -11.53
C MET D 161 1.49 -5.32 -12.96
N LEU D 162 1.96 -6.40 -13.57
CA LEU D 162 1.49 -6.81 -14.92
C LEU D 162 -0.05 -6.99 -14.85
N SER D 163 -0.56 -7.56 -13.76
CA SER D 163 -2.02 -7.73 -13.56
C SER D 163 -2.73 -6.38 -13.59
N LYS D 164 -2.21 -5.37 -12.90
CA LYS D 164 -2.87 -4.04 -12.85
C LYS D 164 -2.87 -3.44 -14.27
N CYS D 165 -1.74 -3.54 -14.98
CA CYS D 165 -1.62 -2.92 -16.32
C CYS D 165 -2.56 -3.62 -17.33
N LEU D 166 -2.60 -4.95 -17.34
CA LEU D 166 -3.49 -5.70 -18.25
C LEU D 166 -4.96 -5.43 -17.92
N GLY D 167 -5.35 -5.40 -16.66
CA GLY D 167 -6.74 -5.06 -16.30
C GLY D 167 -7.12 -3.72 -16.88
N ALA D 168 -6.24 -2.73 -16.74
CA ALA D 168 -6.50 -1.35 -17.21
C ALA D 168 -6.55 -1.35 -18.75
N GLU D 169 -5.60 -2.02 -19.39
CA GLU D 169 -5.51 -2.01 -20.89
C GLU D 169 -6.68 -2.74 -21.54
N PHE D 170 -7.03 -3.93 -21.05
CA PHE D 170 -8.14 -4.73 -21.63
C PHE D 170 -9.46 -3.96 -21.46
N ALA D 171 -9.64 -3.27 -20.34
CA ALA D 171 -10.83 -2.42 -20.14
C ALA D 171 -10.79 -1.26 -21.14
N ALA D 172 -9.67 -0.56 -21.29
CA ALA D 172 -9.57 0.62 -22.19
C ALA D 172 -9.84 0.19 -23.64
N LEU D 173 -9.47 -1.01 -24.04
CA LEU D 173 -9.67 -1.49 -25.42
C LEU D 173 -11.07 -2.10 -25.64
N GLY D 174 -11.90 -2.17 -24.60
CA GLY D 174 -13.27 -2.71 -24.63
C GLY D 174 -13.35 -4.22 -24.78
N TYR D 175 -12.39 -5.00 -24.27
CA TYR D 175 -12.37 -6.47 -24.41
C TYR D 175 -13.23 -7.18 -23.36
N ASN D 176 -13.61 -6.49 -22.28
CA ASN D 176 -14.41 -7.12 -21.20
C ASN D 176 -13.65 -8.33 -20.62
N ILE D 177 -12.39 -8.14 -20.25
CA ILE D 177 -11.53 -9.16 -19.59
C ILE D 177 -11.01 -8.53 -18.30
N ARG D 178 -11.45 -9.07 -17.17
CA ARG D 178 -10.94 -8.69 -15.84
C ARG D 178 -9.61 -9.40 -15.59
N VAL D 179 -8.68 -8.74 -14.93
CA VAL D 179 -7.35 -9.29 -14.59
C VAL D 179 -7.07 -8.92 -13.13
N ASN D 180 -6.73 -9.89 -12.32
CA ASN D 180 -6.48 -9.69 -10.88
C ASN D 180 -5.29 -10.54 -10.45
N SER D 181 -4.58 -10.12 -9.41
CA SER D 181 -3.46 -10.87 -8.81
C SER D 181 -3.94 -11.50 -7.51
N VAL D 182 -3.49 -12.71 -7.23
CA VAL D 182 -3.76 -13.40 -5.94
CA VAL D 182 -3.77 -13.38 -5.93
C VAL D 182 -2.46 -13.45 -5.15
N HIS D 183 -2.55 -13.24 -3.85
CA HIS D 183 -1.39 -13.11 -2.95
C HIS D 183 -1.55 -14.08 -1.77
N PRO D 184 -1.17 -15.35 -1.95
CA PRO D 184 -1.13 -16.30 -0.83
C PRO D 184 -0.04 -15.95 0.17
N GLY D 185 -0.34 -16.22 1.44
CA GLY D 185 0.66 -16.23 2.51
C GLY D 185 1.40 -17.55 2.55
N GLY D 186 1.85 -17.98 3.72
CA GLY D 186 2.60 -19.24 3.83
C GLY D 186 1.62 -20.41 3.75
N ILE D 187 1.54 -21.06 2.62
CA ILE D 187 0.63 -22.21 2.39
C ILE D 187 1.46 -23.50 2.49
N ASP D 188 0.95 -24.48 3.24
CA ASP D 188 1.59 -25.81 3.44
C ASP D 188 1.61 -26.60 2.12
N THR D 189 2.65 -26.40 1.32
CA THR D 189 2.85 -27.08 0.02
C THR D 189 4.32 -27.50 -0.07
N PRO D 190 4.70 -28.38 -1.01
CA PRO D 190 6.11 -28.68 -1.25
C PRO D 190 6.97 -27.44 -1.54
N MET D 191 6.42 -26.43 -2.22
CA MET D 191 7.20 -25.18 -2.48
C MET D 191 7.61 -24.52 -1.16
N LEU D 192 6.69 -24.30 -0.22
CA LEU D 192 7.06 -23.68 1.10
C LEU D 192 8.08 -24.59 1.82
N GLY D 193 7.89 -25.91 1.76
CA GLY D 193 8.83 -26.89 2.34
C GLY D 193 10.24 -26.70 1.82
N SER D 194 10.38 -26.60 0.49
CA SER D 194 11.68 -26.39 -0.21
C SER D 194 12.28 -25.05 0.20
N ILE D 195 11.47 -24.00 0.31
CA ILE D 195 11.98 -22.66 0.75
C ILE D 195 12.55 -22.80 2.17
N MET D 196 11.85 -23.45 3.09
CA MET D 196 12.34 -23.53 4.49
C MET D 196 13.60 -24.43 4.58
N ASP D 197 13.64 -25.53 3.83
CA ASP D 197 14.82 -26.43 3.76
C ASP D 197 16.02 -25.66 3.22
N LYS D 198 15.86 -24.95 2.10
CA LYS D 198 16.94 -24.16 1.44
C LYS D 198 17.39 -23.04 2.38
N ALA D 199 16.50 -22.44 3.16
CA ALA D 199 16.85 -21.40 4.15
C ALA D 199 17.81 -21.97 5.20
N VAL D 200 17.59 -23.22 5.62
CA VAL D 200 18.47 -23.91 6.61
C VAL D 200 19.83 -24.18 5.94
N GLU D 201 19.84 -24.73 4.74
CA GLU D 201 21.06 -25.02 3.92
C GLU D 201 21.92 -23.76 3.78
N LEU D 202 21.32 -22.57 3.58
CA LEU D 202 22.01 -21.25 3.49
C LEU D 202 22.49 -20.81 4.86
N GLY D 203 21.99 -21.43 5.94
CA GLY D 203 22.19 -20.94 7.33
C GLY D 203 21.44 -19.64 7.60
N ALA D 204 20.32 -19.38 6.92
CA ALA D 204 19.39 -18.28 7.28
C ALA D 204 18.56 -18.67 8.51
N ALA D 205 18.38 -19.97 8.75
CA ALA D 205 17.57 -20.51 9.87
C ALA D 205 18.34 -21.58 10.62
N PRO D 206 18.35 -21.53 11.98
CA PRO D 206 19.00 -22.56 12.81
C PRO D 206 18.58 -24.01 12.49
N SER D 207 17.30 -24.23 12.22
CA SER D 207 16.72 -25.56 11.88
C SER D 207 15.39 -25.35 11.16
N ARG D 208 14.89 -26.40 10.55
CA ARG D 208 13.60 -26.38 9.82
C ARG D 208 12.46 -26.11 10.80
N GLU D 209 12.58 -26.59 12.05
CA GLU D 209 11.52 -26.42 13.10
C GLU D 209 11.42 -24.94 13.48
N VAL D 210 12.55 -24.29 13.68
CA VAL D 210 12.58 -22.86 14.10
C VAL D 210 12.10 -21.99 12.92
N ALA D 211 12.49 -22.32 11.68
CA ALA D 211 12.03 -21.63 10.45
C ALA D 211 10.50 -21.67 10.41
N GLN D 212 9.94 -22.87 10.56
CA GLN D 212 8.47 -23.07 10.46
C GLN D 212 7.74 -22.29 11.56
N ALA D 213 8.21 -22.34 12.81
CA ALA D 213 7.58 -21.65 13.96
C ALA D 213 7.58 -20.13 13.72
N ALA D 214 8.71 -19.57 13.27
CA ALA D 214 8.87 -18.12 13.00
C ALA D 214 7.86 -17.70 11.93
N MET D 215 7.79 -18.47 10.86
CA MET D 215 6.87 -18.21 9.72
C MET D 215 5.42 -18.26 10.24
N GLU D 216 5.05 -19.26 11.04
CA GLU D 216 3.67 -19.35 11.61
C GLU D 216 3.35 -18.12 12.47
N MET D 217 4.27 -17.71 13.33
CA MET D 217 4.00 -16.61 14.29
C MET D 217 3.90 -15.27 13.54
N ARG D 218 4.47 -15.17 12.34
CA ARG D 218 4.43 -13.92 11.54
C ARG D 218 3.00 -13.75 10.97
N HIS D 219 2.23 -14.83 10.82
CA HIS D 219 0.81 -14.77 10.38
C HIS D 219 -0.05 -14.48 11.60
N PRO D 220 -0.80 -13.35 11.66
CA PRO D 220 -1.70 -13.10 12.80
C PRO D 220 -2.64 -14.26 13.12
N ILE D 221 -3.13 -14.97 12.11
CA ILE D 221 -4.03 -16.13 12.33
C ILE D 221 -3.29 -17.26 13.05
N GLY D 222 -1.95 -17.29 13.01
CA GLY D 222 -1.11 -18.13 13.89
C GLY D 222 -0.77 -19.48 13.30
N ARG D 223 -0.97 -19.70 12.01
CA ARG D 223 -0.67 -21.01 11.35
C ARG D 223 -0.45 -20.77 9.86
N MET D 224 0.16 -21.76 9.21
CA MET D 224 0.23 -21.89 7.74
C MET D 224 -1.19 -22.06 7.20
N GLY D 225 -1.42 -21.63 5.97
CA GLY D 225 -2.66 -21.95 5.24
C GLY D 225 -2.62 -23.37 4.69
N ARG D 226 -3.79 -23.92 4.40
CA ARG D 226 -3.93 -25.20 3.65
C ARG D 226 -4.21 -24.83 2.20
N PRO D 227 -3.73 -25.63 1.24
CA PRO D 227 -3.97 -25.37 -0.17
C PRO D 227 -5.46 -25.16 -0.49
N ALA D 228 -6.36 -25.90 0.15
CA ALA D 228 -7.82 -25.79 -0.11
C ALA D 228 -8.32 -24.39 0.27
N GLU D 229 -7.63 -23.65 1.14
CA GLU D 229 -8.09 -22.30 1.56
C GLU D 229 -7.87 -21.28 0.43
N MET D 230 -7.25 -21.66 -0.67
CA MET D 230 -7.04 -20.78 -1.85
C MET D 230 -8.23 -20.89 -2.84
N GLY D 231 -8.99 -21.98 -2.80
CA GLY D 231 -9.95 -22.29 -3.87
C GLY D 231 -11.12 -21.32 -3.96
N GLY D 232 -11.74 -20.98 -2.83
CA GLY D 232 -12.94 -20.13 -2.83
C GLY D 232 -12.65 -18.77 -3.44
N GLY D 233 -11.50 -18.18 -3.11
CA GLY D 233 -11.11 -16.87 -3.63
C GLY D 233 -10.96 -16.89 -5.12
N VAL D 234 -10.38 -17.94 -5.68
CA VAL D 234 -10.19 -18.08 -7.14
C VAL D 234 -11.55 -18.28 -7.78
N VAL D 235 -12.42 -19.09 -7.19
CA VAL D 235 -13.81 -19.27 -7.72
C VAL D 235 -14.50 -17.89 -7.75
N TYR D 236 -14.45 -17.14 -6.67
CA TYR D 236 -15.06 -15.79 -6.59
C TYR D 236 -14.53 -14.94 -7.75
N LEU D 237 -13.21 -14.82 -7.92
CA LEU D 237 -12.63 -13.93 -8.96
C LEU D 237 -13.06 -14.37 -10.35
N CYS D 238 -13.16 -15.68 -10.60
CA CYS D 238 -13.56 -16.22 -11.92
C CYS D 238 -15.05 -16.03 -12.18
N SER D 239 -15.85 -15.76 -11.14
CA SER D 239 -17.33 -15.70 -11.23
C SER D 239 -17.83 -14.31 -11.65
N ASP D 240 -19.08 -14.27 -12.14
CA ASP D 240 -19.79 -13.00 -12.40
C ASP D 240 -20.03 -12.21 -11.12
N ALA D 241 -20.00 -12.84 -9.93
CA ALA D 241 -20.13 -12.10 -8.66
C ALA D 241 -18.99 -11.06 -8.54
N ALA D 242 -17.85 -11.28 -9.21
CA ALA D 242 -16.67 -10.38 -9.14
C ALA D 242 -16.63 -9.44 -10.35
N SER D 243 -17.79 -9.10 -10.93
CA SER D 243 -17.89 -8.28 -12.15
C SER D 243 -17.30 -6.86 -11.94
N PHE D 244 -17.22 -6.35 -10.70
CA PHE D 244 -16.60 -5.01 -10.47
C PHE D 244 -15.18 -5.12 -9.91
N VAL D 245 -14.56 -6.30 -10.00
CA VAL D 245 -13.22 -6.56 -9.46
C VAL D 245 -12.25 -6.77 -10.64
N THR D 246 -11.39 -5.79 -10.85
CA THR D 246 -10.28 -5.84 -11.84
C THR D 246 -9.12 -5.01 -11.27
N CYS D 247 -7.92 -5.34 -11.72
CA CYS D 247 -6.63 -4.73 -11.31
C CYS D 247 -6.35 -4.95 -9.82
N THR D 248 -7.06 -5.83 -9.14
CA THR D 248 -7.06 -5.85 -7.67
C THR D 248 -6.01 -6.83 -7.13
N GLU D 249 -5.50 -6.54 -5.94
CA GLU D 249 -4.65 -7.46 -5.13
C GLU D 249 -5.57 -8.24 -4.20
N PHE D 250 -5.79 -9.50 -4.54
CA PHE D 250 -6.71 -10.38 -3.78
C PHE D 250 -5.84 -11.18 -2.83
N VAL D 251 -5.88 -10.82 -1.55
CA VAL D 251 -4.91 -11.35 -0.54
C VAL D 251 -5.57 -12.48 0.27
N MET D 252 -4.90 -13.63 0.35
CA MET D 252 -5.32 -14.78 1.17
C MET D 252 -4.11 -15.21 2.01
N ASP D 253 -3.81 -14.45 3.07
CA ASP D 253 -2.47 -14.53 3.74
C ASP D 253 -2.56 -14.63 5.26
N GLY D 254 -3.74 -14.89 5.83
CA GLY D 254 -3.89 -15.03 7.29
C GLY D 254 -3.46 -13.77 8.02
N GLY D 255 -3.50 -12.62 7.32
CA GLY D 255 -3.17 -11.30 7.88
C GLY D 255 -1.71 -10.91 7.76
N PHE D 256 -0.87 -11.77 7.18
CA PHE D 256 0.61 -11.59 7.16
C PHE D 256 0.99 -10.14 6.75
N SER D 257 0.43 -9.66 5.64
CA SER D 257 0.89 -8.39 5.00
C SER D 257 0.37 -7.17 5.76
N GLN D 258 -0.62 -7.33 6.65
CA GLN D 258 -1.38 -6.19 7.25
C GLN D 258 -0.92 -5.89 8.67
N VAL D 259 0.05 -6.64 9.16
CA VAL D 259 0.83 -6.36 10.41
C VAL D 259 2.33 -6.29 10.04
PA NAD E . 7.01 11.36 23.99
O1A NAD E . 5.92 11.03 24.97
O2A NAD E . 8.46 11.33 24.41
O5B NAD E . 6.66 12.80 23.35
C5B NAD E . 5.34 13.11 22.91
C4B NAD E . 5.10 14.54 23.33
O4B NAD E . 3.74 14.90 23.15
C3B NAD E . 5.41 14.68 24.80
O3B NAD E . 6.32 15.75 25.00
C2B NAD E . 4.09 15.01 25.45
O2B NAD E . 4.23 15.88 26.57
C1B NAD E . 3.40 15.68 24.28
N9A NAD E . 1.95 15.73 24.51
C8A NAD E . 1.15 14.70 24.82
N7A NAD E . -0.13 15.12 24.96
C5A NAD E . -0.14 16.45 24.76
C6A NAD E . -1.14 17.51 24.78
N6A NAD E . -2.44 17.24 25.04
N1A NAD E . -0.70 18.75 24.52
C2A NAD E . 0.58 19.04 24.24
N3A NAD E . 1.55 18.13 24.22
C4A NAD E . 1.25 16.84 24.46
O3 NAD E . 6.79 10.39 22.73
PN NAD E . 7.57 10.51 21.34
O1N NAD E . 8.01 9.11 21.07
O2N NAD E . 8.58 11.63 21.36
O5D NAD E . 6.36 10.84 20.33
C5D NAD E . 6.44 11.79 19.27
C4D NAD E . 5.74 11.27 18.00
O4D NAD E . 6.48 10.19 17.43
C3D NAD E . 4.32 10.77 18.24
O3D NAD E . 3.36 11.70 17.73
C2D NAD E . 4.24 9.45 17.49
O2D NAD E . 3.47 9.60 16.31
C1D NAD E . 5.64 9.11 17.01
N1N NAD E . 6.12 7.81 17.50
C2N NAD E . 5.64 6.67 17.00
C3N NAD E . 6.13 5.44 17.45
C7N NAD E . 5.58 4.14 16.93
O7N NAD E . 4.81 3.51 17.62
N7N NAD E . 5.95 3.71 15.73
C4N NAD E . 7.11 5.39 18.41
C5N NAD E . 7.60 6.57 18.90
C6N NAD E . 7.08 7.77 18.41
C1 EDO F . 18.34 15.54 15.31
O1 EDO F . 18.64 16.73 15.96
C2 EDO F . 19.07 15.32 14.05
O2 EDO F . 18.18 14.87 13.09
S DMS G . -16.67 13.14 21.04
O DMS G . -16.66 12.06 19.96
C1 DMS G . -17.24 12.37 22.54
C2 DMS G . -14.97 13.40 21.52
PA NAD H . -27.00 4.52 1.91
O1A NAD H . -27.14 5.89 2.52
O2A NAD H . -27.82 4.17 0.70
O5B NAD H . -27.19 3.41 3.04
C5B NAD H . -26.65 3.55 4.35
C4B NAD H . -27.72 3.09 5.34
O4B NAD H . -27.24 3.25 6.67
C3B NAD H . -28.97 3.95 5.21
O3B NAD H . -30.11 3.12 5.03
C2B NAD H . -29.08 4.67 6.53
O2B NAD H . -30.43 4.82 6.95
C1B NAD H . -28.30 3.76 7.45
N9A NAD H . -27.88 4.53 8.63
C8A NAD H . -27.31 5.74 8.63
N7A NAD H . -27.08 6.16 9.88
C5A NAD H . -27.49 5.21 10.73
C6A NAD H . -27.52 5.03 12.18
N6A NAD H . -27.06 5.96 13.03
N1A NAD H . -28.05 3.87 12.64
C2A NAD H . -28.51 2.94 11.80
N3A NAD H . -28.52 3.04 10.48
C4A NAD H . -28.03 4.13 9.89
O3 NAD H . -25.45 4.37 1.55
PN NAD H . -24.78 3.08 0.89
O1N NAD H . -24.01 3.57 -0.28
O2N NAD H . -25.75 1.96 0.69
O5D NAD H . -23.77 2.72 2.07
C5D NAD H . -23.31 1.42 2.39
C4D NAD H . -21.90 1.45 3.00
O4D NAD H . -20.91 1.37 1.98
C3D NAD H . -21.61 2.71 3.79
O3D NAD H . -20.82 2.38 4.94
C2D NAD H . -20.80 3.54 2.81
O2D NAD H . -19.97 4.50 3.47
C1D NAD H . -20.05 2.51 2.01
N1N NAD H . -19.87 3.00 0.65
C2N NAD H . -18.75 3.62 0.32
C3N NAD H . -18.58 4.11 -0.96
C7N NAD H . -17.32 4.81 -1.27
O7N NAD H . -17.05 5.77 -0.60
N7N NAD H . -16.53 4.42 -2.24
C4N NAD H . -19.56 3.98 -1.92
C5N NAD H . -20.72 3.33 -1.55
C6N NAD H . -20.84 2.87 -0.25
S DMS I . -15.03 8.74 -3.48
O DMS I . -13.68 8.46 -4.11
C1 DMS I . -16.05 7.32 -3.86
C2 DMS I . -14.83 8.43 -1.74
PA NAD J . 16.23 10.47 -19.53
O1A NAD J . 15.99 9.66 -20.76
O2A NAD J . 16.27 11.96 -19.61
O5B NAD J . 17.59 9.98 -18.85
C5B NAD J . 17.86 8.59 -18.70
C4B NAD J . 19.34 8.42 -18.93
O4B NAD J . 19.65 7.03 -18.84
C3B NAD J . 19.76 8.90 -20.31
O3B NAD J . 20.84 9.81 -20.21
C2B NAD J . 20.20 7.63 -21.01
O2B NAD J . 21.30 7.85 -21.90
C1B NAD J . 20.60 6.75 -19.85
N9A NAD J . 20.60 5.36 -20.29
C8A NAD J . 19.63 4.69 -20.94
N7A NAD J . 20.02 3.43 -21.20
C5A NAD J . 21.25 3.28 -20.71
C6A NAD J . 22.25 2.19 -20.63
N6A NAD J . 21.98 0.97 -21.15
N1A NAD J . 23.40 2.49 -20.02
C2A NAD J . 23.67 3.69 -19.50
N3A NAD J . 22.83 4.72 -19.53
C4A NAD J . 21.63 4.55 -20.11
O3 NAD J . 15.11 10.04 -18.49
PN NAD J . 14.93 10.67 -17.03
O1N NAD J . 13.55 11.23 -16.99
O2N NAD J . 16.10 11.49 -16.62
O5D NAD J . 14.97 9.30 -16.21
C5D NAD J . 15.63 9.13 -14.98
C4D NAD J . 15.03 7.97 -14.19
O4D NAD J . 13.83 8.37 -13.54
C3D NAD J . 14.68 6.77 -15.06
O3D NAD J . 15.02 5.57 -14.36
C2D NAD J . 13.19 6.89 -15.25
O2D NAD J . 12.59 5.64 -15.52
C1D NAD J . 12.73 7.57 -13.96
N1N NAD J . 11.60 8.43 -14.24
C2N NAD J . 10.37 7.97 -14.06
C3N NAD J . 9.28 8.78 -14.32
C7N NAD J . 7.94 8.21 -14.14
O7N NAD J . 7.73 7.12 -14.62
N7N NAD J . 6.99 8.87 -13.50
C4N NAD J . 9.44 10.08 -14.74
C5N NAD J . 10.73 10.55 -14.91
C6N NAD J . 11.78 9.69 -14.64
C1 EDO K . 2.25 7.07 -14.89
O1 EDO K . 1.03 6.74 -15.50
C2 EDO K . 3.01 8.01 -15.72
O2 EDO K . 4.17 8.47 -15.04
S DMS L . 16.55 -13.50 -20.91
O DMS L . 16.09 -12.11 -20.51
C1 DMS L . 15.34 -14.64 -20.31
C2 DMS L . 16.21 -13.64 -22.65
PA NAD M . 3.86 -26.53 -6.36
O1A NAD M . 5.31 -26.69 -6.67
O2A NAD M . 3.17 -27.53 -5.49
O5B NAD M . 3.06 -26.37 -7.72
C5B NAD M . 3.54 -25.54 -8.77
C4B NAD M . 3.24 -26.24 -10.08
O4B NAD M . 3.77 -25.50 -11.17
C3B NAD M . 3.90 -27.61 -10.10
O3B NAD M . 2.92 -28.60 -10.39
C2B NAD M . 4.89 -27.55 -11.22
O2B NAD M . 4.97 -28.77 -11.94
C1B NAD M . 4.31 -26.44 -12.08
N9A NAD M . 5.34 -25.89 -12.97
C8A NAD M . 6.55 -25.41 -12.66
N7A NAD M . 7.22 -25.01 -13.77
C5A NAD M . 6.41 -25.24 -14.82
C6A NAD M . 6.47 -25.06 -16.28
N6A NAD M . 7.55 -24.52 -16.88
N1A NAD M . 5.40 -25.43 -16.98
C2A NAD M . 4.30 -25.95 -16.41
N3A NAD M . 4.18 -26.16 -15.10
C4A NAD M . 5.19 -25.82 -14.28
O3 NAD M . 3.73 -25.08 -5.71
PN NAD M . 2.37 -24.42 -5.21
O1N NAD M . 2.62 -23.98 -3.81
O2N NAD M . 1.19 -25.29 -5.52
O5D NAD M . 2.35 -23.13 -6.16
C5D NAD M . 1.17 -22.54 -6.66
C4D NAD M . 1.34 -21.03 -6.90
O4D NAD M . 1.11 -20.32 -5.69
C3D NAD M . 2.74 -20.66 -7.36
O3D NAD M . 2.66 -19.63 -8.35
C2D NAD M . 3.40 -20.11 -6.13
O2D NAD M . 4.40 -19.17 -6.45
C1D NAD M . 2.25 -19.53 -5.33
N1N NAD M . 2.53 -19.66 -3.90
C2N NAD M . 3.10 -18.66 -3.23
C3N NAD M . 3.37 -18.78 -1.88
C7N NAD M . 4.03 -17.65 -1.18
O7N NAD M . 5.01 -17.17 -1.71
N7N NAD M . 3.62 -17.21 -0.02
C4N NAD M . 3.06 -19.94 -1.20
C5N NAD M . 2.47 -20.97 -1.90
C6N NAD M . 2.23 -20.79 -3.26
#